data_6BD3
#
_entry.id   6BD3
#
_cell.length_a   95.898
_cell.length_b   108.766
_cell.length_c   180.001
_cell.angle_alpha   90.00
_cell.angle_beta   90.00
_cell.angle_gamma   90.00
#
_symmetry.space_group_name_H-M   'P 21 21 21'
#
loop_
_entity.id
_entity.type
_entity.pdbx_description
1 polymer 'Acetolactate synthase catalytic subunit, mitochondrial'
2 non-polymer 'POTASSIUM ION'
3 non-polymer 'MAGNESIUM ION'
4 non-polymer 'THIAMINE DIPHOSPHATE'
5 non-polymer 'OXYGEN MOLECULE'
6 non-polymer 'CARBON DIOXIDE'
7 non-polymer 'FLAVIN-ADENINE DINUCLEOTIDE'
8 non-polymer '2-ACETYL-THIAMINE DIPHOSPHATE'
9 non-polymer 'PHOSPHATE ION'
10 non-polymer 'ACETATE ION'
11 water water
#
_entity_poly.entity_id   1
_entity_poly.type   'polypeptide(L)'
_entity_poly.pdbx_seq_one_letter_code
;MHHHHHHSSGLVPRGSGMKETAAAKFERQHMDSPDLGTDDDDKAMGSAPSFNVDPLEQPAEPSKLAKKLRAEPDMDTSFV
GLTGGQIFNEMMSRQNVDTVFGYPGGAILPVYDAIHNSDKFNFVLPKHEQGAGHMAEGYARASGKPGVVLVTSGPGATNV
VTPMADAFADGIPMVVFTGQVPTSAIGTDAFQEADVVGISRSCTKWNVMVKSVEELPLRINEAFEIATSGRPGPVLVDLP
KDVTAAILRNPIPTKTTLPSNALNQLTSRAQDEFVMQSINKAADLINLAKKPVLYVGAGILNHADGPRLLKELSDRAQIP
VTTTLQGLGSFDQEDPKSLDMLGMHGCATANLAVQNADLIIAVGARFDDRVTGNISKFAPEARRAAAEGRGGIIHFEVSP
KNINKVVQTQIAVEGDATTNLGKMMSKIFPVKERSEWFAQINKWKKEYPYAYMEETPGSKIKPQTVIKKLSKVANDTGRH
VIVTTGVGQHQMWAAQHWTWRNPHTFITSGGLGTMGYGLPAAIGAQVAKPESLVIDIDGDASFNMTLTELSSAVQAGTPV
KILILNNEEQGMVTQWQSLFYEHRYSHTHQLNPDFIKLAEAMGLKGLRVKKQEELDAKLKEFVSTKGPVLLEVEVDKKVP
VLPMVAGGSGLDEFINFDPEVERQQTELRHKRTGGKH
;
_entity_poly.pdbx_strand_id   A,B
#
# COMPACT_ATOMS: atom_id res chain seq x y z
N PRO A 73 35.34 12.40 -25.25
CA PRO A 73 34.13 12.72 -24.49
C PRO A 73 33.20 13.67 -25.24
N ASP A 74 32.23 13.12 -25.98
CA ASP A 74 31.26 13.92 -26.72
C ASP A 74 30.26 14.52 -25.72
N MET A 75 30.23 15.85 -25.65
CA MET A 75 29.45 16.54 -24.61
C MET A 75 28.19 17.25 -25.14
N ASP A 76 27.18 17.34 -24.27
CA ASP A 76 25.89 17.91 -24.63
C ASP A 76 25.50 19.08 -23.74
N THR A 77 25.11 20.19 -24.36
CA THR A 77 24.75 21.40 -23.63
C THR A 77 23.25 21.70 -23.72
N SER A 78 22.50 20.83 -24.38
CA SER A 78 21.09 21.11 -24.69
C SER A 78 20.17 21.14 -23.46
N PHE A 79 20.63 20.61 -22.32
CA PHE A 79 19.83 20.63 -21.11
C PHE A 79 20.31 21.71 -20.12
N VAL A 80 21.42 22.38 -20.46
CA VAL A 80 21.97 23.41 -19.59
C VAL A 80 21.02 24.60 -19.50
N GLY A 81 20.61 24.95 -18.28
CA GLY A 81 19.67 26.04 -18.05
C GLY A 81 18.32 25.50 -17.63
N LEU A 82 18.08 24.22 -17.88
CA LEU A 82 16.83 23.58 -17.52
C LEU A 82 16.85 23.08 -16.08
N THR A 83 15.67 23.00 -15.48
CA THR A 83 15.49 22.36 -14.18
C THR A 83 15.42 20.85 -14.40
N GLY A 84 15.62 20.08 -13.34
CA GLY A 84 15.46 18.63 -13.41
C GLY A 84 14.07 18.26 -13.88
N GLY A 85 13.08 19.06 -13.47
CA GLY A 85 11.71 18.84 -13.87
C GLY A 85 11.51 18.86 -15.38
N GLN A 86 12.01 19.91 -16.03
CA GLN A 86 11.93 20.00 -17.50
C GLN A 86 12.78 18.94 -18.18
N ILE A 87 13.94 18.65 -17.59
CA ILE A 87 14.80 17.58 -18.09
C ILE A 87 14.04 16.26 -18.05
N PHE A 88 13.32 16.02 -16.95
CA PHE A 88 12.48 14.84 -16.82
C PHE A 88 11.47 14.77 -17.96
N ASN A 89 10.78 15.88 -18.21
CA ASN A 89 9.82 15.95 -19.33
C ASN A 89 10.44 15.55 -20.66
N GLU A 90 11.58 16.18 -20.98
CA GLU A 90 12.27 15.91 -22.23
C GLU A 90 12.66 14.43 -22.34
N MET A 91 13.14 13.86 -21.23
CA MET A 91 13.50 12.45 -21.21
C MET A 91 12.28 11.56 -21.41
N MET A 92 11.15 11.96 -20.84
CA MET A 92 9.90 11.22 -21.06
C MET A 92 9.55 11.19 -22.54
N SER A 93 9.60 12.36 -23.18
CA SER A 93 9.38 12.45 -24.62
C SER A 93 10.32 11.56 -25.43
N ARG A 94 11.60 11.55 -25.05
CA ARG A 94 12.58 10.71 -25.74
C ARG A 94 12.27 9.24 -25.58
N GLN A 95 11.59 8.88 -24.49
CA GLN A 95 11.23 7.49 -24.24
C GLN A 95 9.85 7.17 -24.80
N ASN A 96 9.29 8.10 -25.57
CA ASN A 96 7.97 7.93 -26.17
C ASN A 96 6.86 7.71 -25.14
N VAL A 97 7.01 8.36 -23.99
CA VAL A 97 5.97 8.37 -22.96
C VAL A 97 5.01 9.52 -23.22
N ASP A 98 3.71 9.24 -23.23
CA ASP A 98 2.72 10.30 -23.31
C ASP A 98 1.67 10.17 -22.19
N THR A 99 1.86 9.16 -21.34
CA THR A 99 0.93 8.89 -20.24
C THR A 99 1.69 8.62 -18.94
N VAL A 100 1.27 9.29 -17.87
CA VAL A 100 1.87 9.10 -16.55
C VAL A 100 0.79 8.93 -15.49
N PHE A 101 0.94 7.91 -14.66
CA PHE A 101 0.00 7.68 -13.56
C PHE A 101 0.66 8.06 -12.26
N GLY A 102 0.00 8.89 -11.45
CA GLY A 102 0.62 9.32 -10.21
C GLY A 102 -0.20 10.22 -9.31
N TYR A 103 0.43 10.67 -8.23
CA TYR A 103 -0.24 11.43 -7.20
C TYR A 103 0.75 12.41 -6.60
N PRO A 104 0.34 13.67 -6.43
CA PRO A 104 1.29 14.71 -6.02
C PRO A 104 1.67 14.64 -4.54
N GLY A 105 2.77 15.31 -4.22
CA GLY A 105 3.24 15.48 -2.85
C GLY A 105 4.44 16.41 -2.90
N GLY A 106 4.82 16.96 -1.75
CA GLY A 106 5.88 17.96 -1.69
C GLY A 106 7.21 17.56 -2.32
N ALA A 107 7.69 16.36 -1.99
CA ALA A 107 9.00 15.91 -2.43
C ALA A 107 9.12 15.72 -3.94
N ILE A 108 7.99 15.46 -4.60
CA ILE A 108 8.00 15.18 -6.04
C ILE A 108 7.49 16.38 -6.88
N LEU A 109 7.15 17.47 -6.19
CA LEU A 109 6.60 18.67 -6.84
C LEU A 109 7.35 19.20 -8.09
N PRO A 110 8.69 19.32 -8.03
CA PRO A 110 9.39 19.85 -9.22
C PRO A 110 9.16 19.01 -10.47
N VAL A 111 9.00 17.70 -10.31
CA VAL A 111 8.71 16.83 -11.45
C VAL A 111 7.20 16.83 -11.74
N TYR A 112 6.39 16.75 -10.70
CA TYR A 112 4.94 16.71 -10.87
C TYR A 112 4.42 17.95 -11.60
N ASP A 113 4.86 19.14 -11.17
CA ASP A 113 4.43 20.38 -11.80
C ASP A 113 4.80 20.43 -13.29
N ALA A 114 5.97 19.92 -13.64
CA ALA A 114 6.42 19.91 -15.02
C ALA A 114 5.54 18.99 -15.88
N ILE A 115 5.30 17.79 -15.38
CA ILE A 115 4.46 16.83 -16.08
C ILE A 115 2.99 17.29 -16.13
N HIS A 116 2.49 17.75 -14.99
CA HIS A 116 1.09 18.18 -14.90
C HIS A 116 0.77 19.35 -15.83
N ASN A 117 1.70 20.31 -15.93
CA ASN A 117 1.48 21.51 -16.71
C ASN A 117 1.80 21.40 -18.20
N SER A 118 2.33 20.24 -18.62
CA SER A 118 2.65 20.03 -20.03
C SER A 118 1.52 19.29 -20.76
N ASP A 119 1.07 19.86 -21.88
CA ASP A 119 0.01 19.22 -22.68
C ASP A 119 0.54 18.04 -23.51
N LYS A 120 1.82 17.70 -23.32
CA LYS A 120 2.43 16.57 -23.99
C LYS A 120 2.16 15.28 -23.23
N PHE A 121 1.63 15.40 -22.01
CA PHE A 121 1.39 14.23 -21.19
C PHE A 121 -0.03 14.16 -20.64
N ASN A 122 -0.66 13.01 -20.81
CA ASN A 122 -1.90 12.74 -20.10
C ASN A 122 -1.55 12.25 -18.70
N PHE A 123 -1.75 13.11 -17.69
CA PHE A 123 -1.51 12.70 -16.32
C PHE A 123 -2.79 12.11 -15.71
N VAL A 124 -2.73 10.84 -15.33
CA VAL A 124 -3.90 10.18 -14.77
C VAL A 124 -3.83 10.12 -13.25
N LEU A 125 -4.85 10.66 -12.59
CA LEU A 125 -4.88 10.80 -11.14
C LEU A 125 -5.84 9.81 -10.50
N PRO A 126 -5.32 8.92 -9.64
CA PRO A 126 -6.15 7.98 -8.90
C PRO A 126 -6.53 8.60 -7.56
N LYS A 127 -7.21 7.84 -6.71
CA LYS A 127 -7.49 8.31 -5.36
C LYS A 127 -6.46 7.78 -4.37
N HIS A 128 -5.73 6.75 -4.79
CA HIS A 128 -4.72 6.09 -3.95
C HIS A 128 -3.56 5.69 -4.85
N GLU A 129 -2.32 5.88 -4.39
CA GLU A 129 -1.14 5.54 -5.20
C GLU A 129 -1.11 4.10 -5.69
N GLN A 130 -1.68 3.18 -4.90
CA GLN A 130 -1.79 1.78 -5.33
C GLN A 130 -2.55 1.71 -6.65
N GLY A 131 -3.61 2.52 -6.75
CA GLY A 131 -4.37 2.64 -7.98
C GLY A 131 -3.52 3.06 -9.16
N ALA A 132 -2.64 4.04 -8.94
CA ALA A 132 -1.73 4.49 -9.99
C ALA A 132 -0.85 3.35 -10.49
N GLY A 133 -0.31 2.57 -9.56
CA GLY A 133 0.53 1.43 -9.92
C GLY A 133 -0.21 0.40 -10.75
N HIS A 134 -1.39 0.01 -10.29
CA HIS A 134 -2.17 -0.99 -11.00
C HIS A 134 -2.67 -0.47 -12.36
N MET A 135 -3.00 0.84 -12.42
CA MET A 135 -3.32 1.48 -13.69
C MET A 135 -2.15 1.35 -14.67
N ALA A 136 -0.94 1.61 -14.19
CA ALA A 136 0.26 1.52 -15.02
C ALA A 136 0.44 0.09 -15.54
N GLU A 137 0.17 -0.88 -14.69
CA GLU A 137 0.23 -2.29 -15.09
C GLU A 137 -0.76 -2.59 -16.21
N GLY A 138 -2.01 -2.16 -16.02
CA GLY A 138 -3.02 -2.35 -17.03
C GLY A 138 -2.65 -1.65 -18.33
N TYR A 139 -2.12 -0.43 -18.21
CA TYR A 139 -1.65 0.34 -19.36
C TYR A 139 -0.55 -0.42 -20.10
N ALA A 140 0.42 -0.91 -19.36
CA ALA A 140 1.56 -1.62 -19.96
C ALA A 140 1.11 -2.87 -20.69
N ARG A 141 0.25 -3.65 -20.05
CA ARG A 141 -0.25 -4.90 -20.63
C ARG A 141 -1.07 -4.64 -21.88
N ALA A 142 -1.85 -3.57 -21.88
CA ALA A 142 -2.70 -3.23 -23.01
C ALA A 142 -1.93 -2.65 -24.19
N SER A 143 -0.84 -1.92 -23.90
CA SER A 143 -0.14 -1.15 -24.93
C SER A 143 1.20 -1.76 -25.35
N GLY A 144 1.83 -2.52 -24.47
CA GLY A 144 3.16 -3.04 -24.74
C GLY A 144 4.23 -2.02 -24.40
N LYS A 145 3.81 -0.84 -23.95
CA LYS A 145 4.70 0.22 -23.52
C LYS A 145 4.90 0.12 -22.00
N PRO A 146 6.00 0.69 -21.48
CA PRO A 146 6.17 0.70 -20.02
C PRO A 146 5.18 1.63 -19.32
N GLY A 147 4.68 1.20 -18.16
CA GLY A 147 3.82 2.05 -17.37
C GLY A 147 4.65 2.96 -16.48
N VAL A 148 4.44 4.27 -16.59
CA VAL A 148 5.21 5.23 -15.83
C VAL A 148 4.44 5.71 -14.60
N VAL A 149 5.06 5.60 -13.44
CA VAL A 149 4.41 5.98 -12.18
C VAL A 149 5.18 7.09 -11.49
N LEU A 150 4.47 8.12 -11.05
CA LEU A 150 5.09 9.26 -10.39
C LEU A 150 4.42 9.54 -9.04
N VAL A 151 5.09 9.20 -7.95
CA VAL A 151 4.53 9.40 -6.62
C VAL A 151 5.51 10.16 -5.72
N THR A 152 5.04 10.57 -4.54
CA THR A 152 5.87 11.35 -3.65
C THR A 152 6.63 10.48 -2.65
N SER A 153 7.31 11.12 -1.70
CA SER A 153 8.13 10.41 -0.71
C SER A 153 7.27 9.71 0.34
N GLY A 154 7.92 8.89 1.17
CA GLY A 154 7.26 8.22 2.28
C GLY A 154 6.07 7.37 1.90
N PRO A 155 4.87 7.78 2.35
CA PRO A 155 3.64 7.01 2.13
C PRO A 155 3.28 6.90 0.65
N GLY A 156 3.62 7.91 -0.14
CA GLY A 156 3.44 7.84 -1.58
C GLY A 156 4.19 6.66 -2.16
N ALA A 157 5.45 6.52 -1.76
CA ALA A 157 6.30 5.43 -2.25
C ALA A 157 5.88 4.08 -1.69
N THR A 158 5.60 4.02 -0.38
CA THR A 158 5.20 2.76 0.23
C THR A 158 3.86 2.25 -0.31
N ASN A 159 3.00 3.17 -0.75
CA ASN A 159 1.72 2.79 -1.34
C ASN A 159 1.82 2.11 -2.71
N VAL A 160 2.99 2.15 -3.34
CA VAL A 160 3.17 1.46 -4.63
C VAL A 160 4.00 0.18 -4.53
N VAL A 161 4.27 -0.27 -3.30
CA VAL A 161 5.03 -1.50 -3.11
C VAL A 161 4.29 -2.71 -3.68
N THR A 162 2.99 -2.79 -3.39
CA THR A 162 2.17 -3.88 -3.90
C THR A 162 2.12 -3.95 -5.44
N PRO A 163 1.86 -2.82 -6.13
CA PRO A 163 1.89 -2.88 -7.61
C PRO A 163 3.27 -3.21 -8.17
N MET A 164 4.34 -2.74 -7.53
CA MET A 164 5.70 -3.09 -7.97
C MET A 164 5.96 -4.59 -7.83
N ALA A 165 5.61 -5.15 -6.67
CA ALA A 165 5.76 -6.59 -6.46
C ALA A 165 4.89 -7.34 -7.44
N ASP A 166 3.70 -6.82 -7.72
CA ASP A 166 2.79 -7.43 -8.68
C ASP A 166 3.39 -7.44 -10.08
N ALA A 167 3.89 -6.28 -10.52
CA ALA A 167 4.56 -6.17 -11.81
C ALA A 167 5.81 -7.06 -11.86
N PHE A 168 6.54 -7.14 -10.74
CA PHE A 168 7.73 -7.97 -10.66
C PHE A 168 7.39 -9.45 -10.85
N ALA A 169 6.31 -9.90 -10.23
CA ALA A 169 5.91 -11.31 -10.35
C ALA A 169 5.45 -11.65 -11.76
N ASP A 170 4.76 -10.71 -12.42
CA ASP A 170 4.19 -11.00 -13.73
C ASP A 170 5.05 -10.53 -14.91
N GLY A 171 6.23 -9.98 -14.61
CA GLY A 171 7.11 -9.51 -15.66
C GLY A 171 6.55 -8.36 -16.48
N ILE A 172 6.12 -7.31 -15.79
CA ILE A 172 5.48 -6.17 -16.46
C ILE A 172 6.37 -4.94 -16.39
N PRO A 173 6.64 -4.32 -17.56
CA PRO A 173 7.50 -3.13 -17.62
C PRO A 173 6.87 -1.94 -16.90
N MET A 174 7.56 -1.42 -15.90
CA MET A 174 7.05 -0.31 -15.11
C MET A 174 8.22 0.53 -14.60
N VAL A 175 8.13 1.83 -14.79
CA VAL A 175 9.16 2.72 -14.26
C VAL A 175 8.55 3.58 -13.17
N VAL A 176 9.02 3.40 -11.94
CA VAL A 176 8.46 4.12 -10.80
C VAL A 176 9.39 5.22 -10.34
N PHE A 177 8.92 6.47 -10.46
CA PHE A 177 9.67 7.62 -9.96
C PHE A 177 9.08 8.07 -8.62
N THR A 178 9.92 8.13 -7.59
CA THR A 178 9.46 8.51 -6.26
C THR A 178 10.18 9.76 -5.79
N GLY A 179 9.40 10.75 -5.36
CA GLY A 179 9.98 11.93 -4.74
C GLY A 179 10.74 11.50 -3.51
N GLN A 180 11.79 12.24 -3.17
CA GLN A 180 12.57 11.93 -1.98
C GLN A 180 12.95 13.24 -1.30
N VAL A 181 13.18 13.19 0.01
CA VAL A 181 13.67 14.35 0.75
C VAL A 181 15.02 14.76 0.16
N PRO A 182 15.40 16.04 0.33
CA PRO A 182 16.69 16.51 -0.21
C PRO A 182 17.87 15.64 0.21
N THR A 183 18.90 15.57 -0.63
CA THR A 183 20.07 14.74 -0.36
C THR A 183 20.72 15.08 0.97
N SER A 184 20.61 16.35 1.38
CA SER A 184 21.17 16.81 2.65
C SER A 184 20.42 16.22 3.84
N ALA A 185 19.17 15.80 3.62
CA ALA A 185 18.31 15.31 4.69
C ALA A 185 18.17 13.78 4.74
N ILE A 186 18.86 13.09 3.83
CA ILE A 186 18.80 11.62 3.80
C ILE A 186 19.37 10.99 5.07
N GLY A 187 18.55 10.19 5.75
CA GLY A 187 19.00 9.45 6.93
C GLY A 187 18.92 10.21 8.24
N THR A 188 18.09 11.25 8.29
CA THR A 188 17.89 12.00 9.52
C THR A 188 16.47 11.80 10.04
N ASP A 189 15.79 10.80 9.47
CA ASP A 189 14.38 10.55 9.78
C ASP A 189 13.54 11.81 9.58
N ALA A 190 13.78 12.49 8.47
CA ALA A 190 13.06 13.71 8.14
C ALA A 190 11.58 13.43 7.90
N PHE A 191 10.78 14.48 7.78
CA PHE A 191 9.35 14.31 7.52
C PHE A 191 9.14 13.50 6.25
N GLN A 192 8.15 12.62 6.28
CA GLN A 192 8.04 11.54 5.31
C GLN A 192 9.37 10.79 5.33
N GLU A 193 10.06 10.72 4.19
CA GLU A 193 11.28 9.92 4.04
C GLU A 193 11.14 8.45 4.40
N ALA A 194 11.53 7.59 3.47
CA ALA A 194 11.59 6.16 3.72
C ALA A 194 12.76 5.62 2.93
N ASP A 195 13.39 4.55 3.41
CA ASP A 195 14.42 3.89 2.63
C ASP A 195 13.72 3.13 1.51
N VAL A 196 13.27 3.87 0.49
CA VAL A 196 12.49 3.32 -0.61
C VAL A 196 13.34 2.37 -1.46
N VAL A 197 14.62 2.70 -1.61
CA VAL A 197 15.55 1.84 -2.31
C VAL A 197 15.70 0.51 -1.59
N GLY A 198 15.74 0.58 -0.26
CA GLY A 198 15.83 -0.63 0.56
C GLY A 198 14.55 -1.44 0.50
N ILE A 199 13.42 -0.77 0.71
CA ILE A 199 12.12 -1.42 0.68
C ILE A 199 11.84 -2.12 -0.65
N SER A 200 12.12 -1.45 -1.75
CA SER A 200 11.75 -1.95 -3.08
C SER A 200 12.78 -2.88 -3.73
N ARG A 201 13.90 -3.15 -3.04
CA ARG A 201 14.99 -3.91 -3.64
C ARG A 201 14.56 -5.29 -4.16
N SER A 202 13.80 -6.01 -3.36
CA SER A 202 13.40 -7.38 -3.73
C SER A 202 12.18 -7.40 -4.65
N CYS A 203 11.56 -6.25 -4.88
CA CYS A 203 10.40 -6.21 -5.76
C CYS A 203 10.61 -5.31 -6.99
N THR A 204 11.88 -5.04 -7.30
CA THR A 204 12.25 -4.37 -8.55
C THR A 204 13.42 -5.10 -9.21
N LYS A 205 13.53 -5.00 -10.53
CA LYS A 205 14.68 -5.55 -11.24
C LYS A 205 15.93 -4.77 -10.86
N TRP A 206 15.72 -3.48 -10.57
CA TRP A 206 16.82 -2.56 -10.34
C TRP A 206 16.24 -1.28 -9.75
N ASN A 207 16.96 -0.64 -8.84
CA ASN A 207 16.57 0.67 -8.37
C ASN A 207 17.78 1.56 -8.14
N VAL A 208 17.54 2.85 -7.91
CA VAL A 208 18.64 3.80 -7.76
C VAL A 208 18.13 5.09 -7.15
N MET A 209 19.00 5.79 -6.42
CA MET A 209 18.70 7.15 -6.02
C MET A 209 19.59 8.11 -6.81
N VAL A 210 18.96 9.01 -7.56
CA VAL A 210 19.70 10.02 -8.33
C VAL A 210 20.35 11.03 -7.38
N LYS A 211 21.65 11.25 -7.56
CA LYS A 211 22.43 12.06 -6.62
C LYS A 211 22.64 13.50 -7.10
N SER A 212 22.51 13.72 -8.41
CA SER A 212 22.68 15.06 -8.98
C SER A 212 21.88 15.20 -10.28
N VAL A 213 21.57 16.43 -10.65
CA VAL A 213 20.80 16.67 -11.87
C VAL A 213 21.58 16.23 -13.11
N GLU A 214 22.91 16.37 -13.08
CA GLU A 214 23.78 15.87 -14.16
C GLU A 214 23.53 14.40 -14.48
N GLU A 215 23.10 13.67 -13.45
CA GLU A 215 23.00 12.21 -13.49
C GLU A 215 21.58 11.78 -13.89
N LEU A 216 20.67 12.75 -13.96
CA LEU A 216 19.26 12.46 -14.18
C LEU A 216 18.91 11.78 -15.52
N PRO A 217 19.42 12.30 -16.66
CA PRO A 217 19.13 11.59 -17.92
C PRO A 217 19.69 10.16 -17.94
N LEU A 218 20.90 9.97 -17.43
CA LEU A 218 21.52 8.65 -17.39
C LEU A 218 20.64 7.62 -16.66
N ARG A 219 20.22 7.96 -15.45
CA ARG A 219 19.42 7.05 -14.63
C ARG A 219 18.06 6.75 -15.25
N ILE A 220 17.46 7.76 -15.88
CA ILE A 220 16.17 7.58 -16.56
C ILE A 220 16.31 6.62 -17.73
N ASN A 221 17.32 6.81 -18.57
CA ASN A 221 17.58 5.91 -19.68
C ASN A 221 17.90 4.48 -19.23
N GLU A 222 18.70 4.36 -18.16
CA GLU A 222 19.00 3.04 -17.59
C GLU A 222 17.74 2.36 -17.09
N ALA A 223 16.91 3.11 -16.37
CA ALA A 223 15.67 2.59 -15.82
C ALA A 223 14.77 2.01 -16.91
N PHE A 224 14.53 2.80 -17.96
CA PHE A 224 13.69 2.36 -19.06
C PHE A 224 14.27 1.17 -19.80
N GLU A 225 15.59 1.18 -20.02
CA GLU A 225 16.25 0.08 -20.71
C GLU A 225 16.09 -1.22 -19.93
N ILE A 226 16.35 -1.16 -18.63
CA ILE A 226 16.22 -2.34 -17.77
C ILE A 226 14.78 -2.82 -17.66
N ALA A 227 13.84 -1.90 -17.54
CA ALA A 227 12.42 -2.24 -17.40
C ALA A 227 11.87 -2.97 -18.63
N THR A 228 12.38 -2.62 -19.81
CA THR A 228 11.85 -3.14 -21.07
C THR A 228 12.71 -4.22 -21.73
N SER A 229 13.74 -4.70 -21.03
CA SER A 229 14.63 -5.71 -21.61
C SER A 229 14.69 -6.98 -20.76
N GLY A 230 15.27 -8.04 -21.32
CA GLY A 230 15.24 -9.35 -20.70
C GLY A 230 13.79 -9.71 -20.43
N ARG A 231 13.50 -10.25 -19.25
CA ARG A 231 12.14 -10.33 -18.79
C ARG A 231 11.78 -8.95 -18.25
N PRO A 232 10.73 -8.34 -18.81
CA PRO A 232 10.34 -6.99 -18.38
C PRO A 232 9.99 -6.95 -16.90
N GLY A 233 10.07 -5.78 -16.28
CA GLY A 233 9.77 -5.66 -14.87
C GLY A 233 9.80 -4.22 -14.37
N PRO A 234 9.46 -4.03 -13.09
CA PRO A 234 9.46 -2.71 -12.45
C PRO A 234 10.86 -2.27 -12.05
N VAL A 235 11.17 -1.00 -12.26
CA VAL A 235 12.38 -0.39 -11.74
C VAL A 235 11.95 0.85 -10.96
N LEU A 236 12.73 1.23 -9.96
CA LEU A 236 12.39 2.42 -9.17
C LEU A 236 13.53 3.44 -9.20
N VAL A 237 13.17 4.70 -9.46
CA VAL A 237 14.16 5.78 -9.47
C VAL A 237 13.80 6.79 -8.39
N ASP A 238 14.66 6.89 -7.37
CA ASP A 238 14.43 7.79 -6.24
C ASP A 238 14.94 9.19 -6.56
N LEU A 239 14.06 10.20 -6.42
CA LEU A 239 14.36 11.55 -6.89
C LEU A 239 14.31 12.60 -5.76
N PRO A 240 15.46 12.89 -5.14
CA PRO A 240 15.53 13.90 -4.09
C PRO A 240 15.07 15.27 -4.59
N LYS A 241 14.33 15.98 -3.75
CA LYS A 241 13.71 17.25 -4.12
C LYS A 241 14.71 18.29 -4.63
N ASP A 242 15.89 18.34 -4.00
CA ASP A 242 16.91 19.33 -4.38
C ASP A 242 17.52 19.01 -5.75
N VAL A 243 17.52 17.74 -6.12
CA VAL A 243 18.03 17.32 -7.43
C VAL A 243 17.08 17.75 -8.55
N THR A 244 15.80 17.48 -8.36
CA THR A 244 14.80 17.78 -9.38
C THR A 244 14.51 19.27 -9.52
N ALA A 245 14.73 20.03 -8.45
CA ALA A 245 14.50 21.46 -8.47
C ALA A 245 15.72 22.21 -9.00
N ALA A 246 16.87 21.54 -8.99
CA ALA A 246 18.12 22.17 -9.41
C ALA A 246 18.15 22.45 -10.90
N ILE A 247 18.91 23.48 -11.27
CA ILE A 247 19.14 23.82 -12.67
C ILE A 247 20.50 23.27 -13.11
N LEU A 248 20.51 22.56 -14.24
CA LEU A 248 21.75 22.00 -14.78
C LEU A 248 22.68 23.11 -15.27
N ARG A 249 23.88 23.18 -14.69
CA ARG A 249 24.86 24.21 -15.01
C ARG A 249 25.98 23.69 -15.89
N ASN A 250 26.12 22.37 -15.92
CA ASN A 250 27.24 21.74 -16.60
C ASN A 250 26.83 20.87 -17.78
N PRO A 251 27.63 20.89 -18.85
CA PRO A 251 27.40 19.99 -19.98
C PRO A 251 27.55 18.55 -19.50
N ILE A 252 26.81 17.63 -20.09
CA ILE A 252 26.89 16.22 -19.71
C ILE A 252 27.17 15.39 -20.97
N PRO A 253 27.79 14.20 -20.80
CA PRO A 253 28.11 13.35 -21.94
C PRO A 253 26.87 13.03 -22.79
N THR A 254 26.99 13.20 -24.11
CA THR A 254 25.86 13.03 -25.03
C THR A 254 25.20 11.66 -24.93
N LYS A 255 26.02 10.63 -24.77
CA LYS A 255 25.54 9.25 -24.66
C LYS A 255 24.50 9.06 -23.55
N THR A 256 24.73 9.71 -22.41
CA THR A 256 23.86 9.58 -21.25
C THR A 256 22.46 10.15 -21.47
N THR A 257 22.29 10.91 -22.55
CA THR A 257 21.01 11.56 -22.85
C THR A 257 20.19 10.78 -23.87
N LEU A 258 20.79 9.75 -24.46
CA LEU A 258 20.14 9.01 -25.54
C LEU A 258 19.66 7.63 -25.10
N PRO A 259 18.38 7.33 -25.40
CA PRO A 259 17.75 6.04 -25.06
C PRO A 259 18.50 4.86 -25.66
N SER A 260 18.38 3.69 -25.05
CA SER A 260 19.04 2.49 -25.54
C SER A 260 18.17 1.75 -26.57
N ASP A 272 26.67 -16.52 -28.68
CA ASP A 272 26.13 -15.79 -29.82
C ASP A 272 25.95 -16.74 -31.01
N GLU A 273 27.03 -17.39 -31.42
CA GLU A 273 26.94 -18.42 -32.45
C GLU A 273 26.36 -19.69 -31.84
N PHE A 274 26.39 -19.78 -30.52
CA PHE A 274 25.72 -20.87 -29.82
C PHE A 274 24.22 -20.71 -29.98
N VAL A 275 23.73 -19.48 -29.80
CA VAL A 275 22.33 -19.17 -30.01
C VAL A 275 21.92 -19.50 -31.44
N MET A 276 22.79 -19.16 -32.39
CA MET A 276 22.55 -19.45 -33.79
C MET A 276 22.53 -20.96 -34.05
N GLN A 277 23.42 -21.69 -33.38
CA GLN A 277 23.43 -23.14 -33.47
C GLN A 277 22.16 -23.73 -32.86
N SER A 278 21.72 -23.14 -31.74
CA SER A 278 20.53 -23.59 -31.05
C SER A 278 19.27 -23.40 -31.90
N ILE A 279 19.24 -22.31 -32.66
CA ILE A 279 18.11 -22.04 -33.54
C ILE A 279 18.03 -23.08 -34.65
N ASN A 280 19.18 -23.41 -35.24
CA ASN A 280 19.26 -24.42 -36.27
C ASN A 280 18.84 -25.80 -35.75
N LYS A 281 19.30 -26.15 -34.55
CA LYS A 281 18.98 -27.45 -33.96
C LYS A 281 17.51 -27.54 -33.59
N ALA A 282 16.94 -26.44 -33.11
CA ALA A 282 15.53 -26.41 -32.78
C ALA A 282 14.69 -26.56 -34.05
N ALA A 283 15.15 -25.98 -35.15
CA ALA A 283 14.48 -26.15 -36.43
C ALA A 283 14.52 -27.61 -36.88
N ASP A 284 15.67 -28.25 -36.68
CA ASP A 284 15.84 -29.67 -37.00
C ASP A 284 14.84 -30.55 -36.23
N LEU A 285 14.72 -30.32 -34.92
CA LEU A 285 13.81 -31.09 -34.09
C LEU A 285 12.35 -30.89 -34.50
N ILE A 286 11.98 -29.64 -34.76
CA ILE A 286 10.63 -29.32 -35.21
C ILE A 286 10.31 -29.99 -36.54
N ASN A 287 11.28 -29.98 -37.47
CA ASN A 287 11.10 -30.63 -38.76
C ASN A 287 10.99 -32.15 -38.63
N LEU A 288 11.56 -32.70 -37.56
CA LEU A 288 11.57 -34.14 -37.32
C LEU A 288 10.27 -34.62 -36.68
N ALA A 289 9.66 -33.76 -35.87
CA ALA A 289 8.51 -34.14 -35.04
C ALA A 289 7.28 -34.57 -35.81
N LYS A 290 6.58 -35.58 -35.29
CA LYS A 290 5.34 -36.06 -35.88
C LYS A 290 4.13 -35.53 -35.11
N LYS A 291 4.30 -35.30 -33.82
CA LYS A 291 3.21 -34.82 -32.96
C LYS A 291 3.67 -33.65 -32.10
N PRO A 292 4.02 -32.52 -32.74
CA PRO A 292 4.56 -31.41 -31.95
C PRO A 292 3.44 -30.60 -31.31
N VAL A 293 3.75 -29.91 -30.22
CA VAL A 293 2.81 -28.98 -29.60
C VAL A 293 3.53 -27.68 -29.24
N LEU A 294 2.93 -26.55 -29.60
CA LEU A 294 3.46 -25.26 -29.17
C LEU A 294 2.86 -24.90 -27.81
N TYR A 295 3.73 -24.65 -26.83
CA TYR A 295 3.33 -24.31 -25.47
C TYR A 295 3.76 -22.87 -25.20
N VAL A 296 2.78 -21.97 -25.26
CA VAL A 296 3.05 -20.53 -25.35
C VAL A 296 2.62 -19.76 -24.09
N GLY A 297 3.50 -18.89 -23.61
CA GLY A 297 3.20 -18.10 -22.43
C GLY A 297 3.33 -16.61 -22.65
N ALA A 298 3.47 -15.86 -21.56
CA ALA A 298 3.48 -14.40 -21.60
C ALA A 298 4.62 -13.79 -22.42
N GLY A 299 5.74 -14.50 -22.52
CA GLY A 299 6.91 -13.99 -23.21
C GLY A 299 6.69 -13.57 -24.66
N ILE A 300 5.76 -14.24 -25.33
CA ILE A 300 5.47 -13.96 -26.74
C ILE A 300 4.77 -12.60 -26.90
N LEU A 301 4.23 -12.08 -25.79
CA LEU A 301 3.52 -10.81 -25.82
C LEU A 301 4.47 -9.62 -25.68
N ASN A 302 5.71 -9.91 -25.31
CA ASN A 302 6.68 -8.85 -25.04
C ASN A 302 7.35 -8.29 -26.29
N HIS A 303 6.81 -8.66 -27.44
CA HIS A 303 7.23 -8.07 -28.72
C HIS A 303 5.99 -7.94 -29.60
N ALA A 304 5.88 -6.83 -30.31
CA ALA A 304 4.71 -6.54 -31.14
C ALA A 304 4.42 -7.61 -32.18
N ASP A 305 5.48 -8.22 -32.72
CA ASP A 305 5.35 -9.20 -33.79
C ASP A 305 5.21 -10.64 -33.29
N GLY A 306 5.31 -10.83 -31.98
CA GLY A 306 5.21 -12.15 -31.37
C GLY A 306 4.09 -13.04 -31.86
N PRO A 307 2.84 -12.65 -31.61
CA PRO A 307 1.67 -13.43 -32.02
C PRO A 307 1.61 -13.67 -33.52
N ARG A 308 2.08 -12.73 -34.34
CA ARG A 308 2.10 -12.94 -35.78
C ARG A 308 3.05 -14.08 -36.18
N LEU A 309 4.25 -14.07 -35.62
CA LEU A 309 5.22 -15.11 -35.92
C LEU A 309 4.80 -16.46 -35.35
N LEU A 310 4.14 -16.43 -34.18
CA LEU A 310 3.58 -17.64 -33.59
C LEU A 310 2.57 -18.26 -34.54
N LYS A 311 1.64 -17.44 -35.02
CA LYS A 311 0.64 -17.88 -35.98
C LYS A 311 1.29 -18.41 -37.25
N GLU A 312 2.33 -17.71 -37.71
CA GLU A 312 3.04 -18.11 -38.93
C GLU A 312 3.71 -19.47 -38.76
N LEU A 313 4.41 -19.67 -37.65
CA LEU A 313 5.05 -20.96 -37.37
C LEU A 313 4.01 -22.06 -37.24
N SER A 314 2.90 -21.75 -36.59
CA SER A 314 1.82 -22.72 -36.42
C SER A 314 1.22 -23.14 -37.76
N ASP A 315 1.04 -22.17 -38.67
CA ASP A 315 0.52 -22.47 -40.00
C ASP A 315 1.52 -23.24 -40.84
N ARG A 316 2.77 -22.77 -40.83
CA ARG A 316 3.82 -23.31 -41.68
C ARG A 316 4.11 -24.78 -41.38
N ALA A 317 4.20 -25.11 -40.10
CA ALA A 317 4.52 -26.49 -39.70
C ALA A 317 3.31 -27.26 -39.17
N GLN A 318 2.13 -26.64 -39.26
CA GLN A 318 0.88 -27.26 -38.80
C GLN A 318 0.98 -27.74 -37.35
N ILE A 319 1.27 -26.82 -36.44
CA ILE A 319 1.45 -27.16 -35.04
C ILE A 319 0.33 -26.63 -34.17
N PRO A 320 -0.35 -27.52 -33.44
CA PRO A 320 -1.40 -27.10 -32.49
C PRO A 320 -0.79 -26.22 -31.40
N VAL A 321 -1.56 -25.25 -30.93
CA VAL A 321 -1.04 -24.28 -29.96
C VAL A 321 -1.86 -24.28 -28.67
N THR A 322 -1.17 -24.44 -27.54
CA THR A 322 -1.81 -24.25 -26.24
C THR A 322 -1.11 -23.10 -25.51
N THR A 323 -1.86 -22.36 -24.71
CA THR A 323 -1.27 -21.23 -23.99
C THR A 323 -1.38 -21.40 -22.48
N THR A 324 -0.48 -20.75 -21.76
CA THR A 324 -0.65 -20.55 -20.34
C THR A 324 -1.80 -19.56 -20.11
N LEU A 325 -2.16 -19.36 -18.85
CA LEU A 325 -3.19 -18.39 -18.50
C LEU A 325 -2.74 -16.98 -18.92
N GLN A 326 -1.46 -16.69 -18.74
CA GLN A 326 -0.91 -15.39 -19.11
C GLN A 326 -0.65 -15.27 -20.61
N GLY A 327 -0.81 -16.38 -21.33
CA GLY A 327 -0.61 -16.38 -22.77
C GLY A 327 -1.92 -16.25 -23.55
N LEU A 328 -3.04 -16.31 -22.83
CA LEU A 328 -4.36 -16.20 -23.46
C LEU A 328 -4.46 -14.93 -24.29
N GLY A 329 -4.91 -15.07 -25.54
CA GLY A 329 -5.00 -13.95 -26.46
C GLY A 329 -3.88 -13.96 -27.49
N SER A 330 -2.74 -14.56 -27.15
CA SER A 330 -1.62 -14.62 -28.07
C SER A 330 -1.94 -15.48 -29.30
N PHE A 331 -2.91 -16.38 -29.16
CA PHE A 331 -3.34 -17.23 -30.27
C PHE A 331 -4.86 -17.29 -30.32
N ASP A 332 -5.43 -17.10 -31.51
CA ASP A 332 -6.88 -17.09 -31.69
C ASP A 332 -7.49 -18.45 -31.34
N GLN A 333 -8.35 -18.46 -30.31
CA GLN A 333 -8.97 -19.72 -29.86
C GLN A 333 -10.03 -20.24 -30.82
N GLU A 334 -10.36 -19.47 -31.85
CA GLU A 334 -11.27 -19.94 -32.88
C GLU A 334 -10.54 -20.58 -34.05
N ASP A 335 -9.21 -20.51 -34.02
CA ASP A 335 -8.37 -21.22 -34.97
C ASP A 335 -8.51 -22.71 -34.70
N PRO A 336 -8.63 -23.52 -35.77
CA PRO A 336 -8.75 -24.98 -35.66
C PRO A 336 -7.55 -25.61 -34.95
N LYS A 337 -6.42 -24.92 -34.92
CA LYS A 337 -5.21 -25.44 -34.30
C LYS A 337 -5.05 -25.05 -32.83
N SER A 338 -5.99 -24.25 -32.33
CA SER A 338 -5.96 -23.86 -30.92
C SER A 338 -6.36 -25.01 -29.99
N LEU A 339 -5.56 -25.24 -28.96
CA LEU A 339 -5.88 -26.24 -27.94
C LEU A 339 -6.43 -25.53 -26.71
N ASP A 340 -6.48 -24.21 -26.77
CA ASP A 340 -6.87 -23.36 -25.65
C ASP A 340 -5.90 -23.49 -24.47
N MET A 341 -6.40 -23.33 -23.25
CA MET A 341 -5.50 -23.25 -22.10
C MET A 341 -5.01 -24.60 -21.60
N LEU A 342 -3.72 -24.64 -21.25
CA LEU A 342 -3.06 -25.83 -20.73
C LEU A 342 -3.09 -25.83 -19.20
N GLY A 343 -3.11 -27.01 -18.60
CA GLY A 343 -2.85 -27.10 -17.17
C GLY A 343 -3.97 -27.63 -16.28
N MET A 344 -3.78 -27.45 -14.98
CA MET A 344 -4.66 -27.96 -13.93
C MET A 344 -6.12 -27.53 -14.11
N HIS A 345 -6.32 -26.37 -14.72
CA HIS A 345 -7.67 -25.86 -14.95
C HIS A 345 -7.91 -25.61 -16.44
N GLY A 346 -7.08 -26.23 -17.28
CA GLY A 346 -7.20 -26.05 -18.71
C GLY A 346 -8.07 -27.11 -19.39
N CYS A 347 -8.18 -27.02 -20.72
CA CYS A 347 -8.91 -28.02 -21.48
C CYS A 347 -8.18 -29.36 -21.44
N ALA A 348 -8.93 -30.44 -21.30
CA ALA A 348 -8.33 -31.78 -21.24
C ALA A 348 -7.58 -32.10 -22.52
N THR A 349 -8.11 -31.64 -23.66
CA THR A 349 -7.49 -31.86 -24.95
C THR A 349 -6.07 -31.27 -25.02
N ALA A 350 -5.92 -30.07 -24.48
CA ALA A 350 -4.61 -29.43 -24.41
C ALA A 350 -3.65 -30.27 -23.57
N ASN A 351 -4.11 -30.71 -22.40
CA ASN A 351 -3.30 -31.55 -21.52
C ASN A 351 -2.94 -32.87 -22.18
N LEU A 352 -3.92 -33.50 -22.84
CA LEU A 352 -3.71 -34.77 -23.53
C LEU A 352 -2.70 -34.63 -24.67
N ALA A 353 -2.81 -33.54 -25.42
CA ALA A 353 -1.88 -33.26 -26.51
C ALA A 353 -0.45 -33.17 -25.99
N VAL A 354 -0.27 -32.46 -24.88
CA VAL A 354 1.04 -32.28 -24.26
C VAL A 354 1.62 -33.59 -23.74
N GLN A 355 0.78 -34.43 -23.15
CA GLN A 355 1.24 -35.72 -22.61
C GLN A 355 1.55 -36.72 -23.72
N ASN A 356 1.03 -36.46 -24.92
CA ASN A 356 1.23 -37.37 -26.05
C ASN A 356 2.15 -36.83 -27.14
N ALA A 357 2.61 -35.59 -26.97
CA ALA A 357 3.51 -34.97 -27.95
C ALA A 357 4.91 -35.59 -27.92
N ASP A 358 5.52 -35.74 -29.09
CA ASP A 358 6.91 -36.18 -29.15
C ASP A 358 7.85 -34.97 -29.07
N LEU A 359 7.28 -33.79 -29.29
CA LEU A 359 8.05 -32.56 -29.16
C LEU A 359 7.22 -31.43 -28.54
N ILE A 360 7.75 -30.84 -27.48
CA ILE A 360 7.13 -29.66 -26.89
C ILE A 360 7.99 -28.42 -27.16
N ILE A 361 7.41 -27.46 -27.86
CA ILE A 361 8.08 -26.22 -28.19
C ILE A 361 7.59 -25.13 -27.25
N ALA A 362 8.35 -24.88 -26.18
CA ALA A 362 7.95 -23.91 -25.17
C ALA A 362 8.41 -22.51 -25.55
N VAL A 363 7.46 -21.58 -25.65
CA VAL A 363 7.75 -20.23 -26.10
C VAL A 363 7.30 -19.18 -25.08
N GLY A 364 8.26 -18.60 -24.37
CA GLY A 364 7.95 -17.60 -23.36
C GLY A 364 7.07 -18.12 -22.24
N ALA A 365 7.37 -19.31 -21.74
CA ALA A 365 6.57 -19.95 -20.69
C ALA A 365 7.46 -20.49 -19.58
N ARG A 366 6.93 -20.57 -18.37
CA ARG A 366 7.75 -20.79 -17.18
C ARG A 366 7.75 -22.23 -16.66
N PHE A 367 6.92 -23.09 -17.25
CA PHE A 367 6.72 -24.45 -16.76
C PHE A 367 6.27 -24.45 -15.29
N ASP A 368 5.24 -23.65 -15.00
CA ASP A 368 4.70 -23.59 -13.66
C ASP A 368 4.07 -24.93 -13.28
N ASP A 369 4.08 -25.26 -12.00
CA ASP A 369 3.56 -26.56 -11.57
C ASP A 369 2.04 -26.66 -11.71
N ARG A 370 1.37 -25.50 -11.79
CA ARG A 370 -0.08 -25.47 -12.04
C ARG A 370 -0.35 -25.80 -13.50
N VAL A 371 0.69 -25.72 -14.32
CA VAL A 371 0.61 -26.08 -15.73
C VAL A 371 1.07 -27.52 -15.94
N THR A 372 2.22 -27.86 -15.37
CA THR A 372 2.84 -29.16 -15.57
C THR A 372 2.23 -30.28 -14.71
N GLY A 373 1.78 -29.93 -13.51
CA GLY A 373 1.41 -30.93 -12.52
C GLY A 373 2.69 -31.58 -12.02
N ASN A 374 2.60 -32.80 -11.49
CA ASN A 374 3.79 -33.52 -11.06
C ASN A 374 4.83 -33.60 -12.18
N ILE A 375 5.99 -33.00 -11.94
CA ILE A 375 6.99 -32.80 -12.98
C ILE A 375 7.52 -34.10 -13.59
N SER A 376 7.55 -35.17 -12.81
CA SER A 376 8.06 -36.45 -13.30
C SER A 376 7.03 -37.17 -14.18
N LYS A 377 5.77 -36.80 -14.03
CA LYS A 377 4.70 -37.37 -14.85
C LYS A 377 4.40 -36.49 -16.06
N PHE A 378 5.19 -35.43 -16.22
CA PHE A 378 4.93 -34.44 -17.25
C PHE A 378 5.58 -34.77 -18.59
N ALA A 379 4.78 -34.71 -19.65
CA ALA A 379 5.24 -34.96 -21.03
C ALA A 379 6.01 -36.26 -21.21
N PRO A 380 5.38 -37.41 -20.89
CA PRO A 380 6.11 -38.69 -20.98
C PRO A 380 6.51 -39.03 -22.41
N GLU A 381 5.67 -38.68 -23.39
CA GLU A 381 5.98 -38.95 -24.78
C GLU A 381 7.14 -38.09 -25.29
N ALA A 382 7.25 -36.89 -24.72
CA ALA A 382 8.37 -36.00 -25.04
C ALA A 382 9.66 -36.53 -24.40
N ARG A 383 9.55 -36.98 -23.15
CA ARG A 383 10.69 -37.59 -22.46
C ARG A 383 11.20 -38.81 -23.22
N ARG A 384 10.28 -39.66 -23.65
CA ARG A 384 10.63 -40.88 -24.38
C ARG A 384 11.29 -40.56 -25.71
N ALA A 385 10.78 -39.53 -26.39
CA ALA A 385 11.34 -39.10 -27.66
C ALA A 385 12.76 -38.57 -27.47
N ALA A 386 12.96 -37.78 -26.42
CA ALA A 386 14.28 -37.30 -26.05
C ALA A 386 15.23 -38.47 -25.77
N ALA A 387 14.76 -39.44 -25.01
CA ALA A 387 15.54 -40.64 -24.71
C ALA A 387 15.90 -41.39 -25.98
N GLU A 388 15.03 -41.34 -26.98
CA GLU A 388 15.29 -42.03 -28.25
C GLU A 388 15.93 -41.08 -29.26
N GLY A 389 16.21 -39.86 -28.82
CA GLY A 389 16.88 -38.87 -29.66
C GLY A 389 16.09 -38.42 -30.86
N ARG A 390 14.78 -38.29 -30.70
CA ARG A 390 13.92 -37.89 -31.81
C ARG A 390 12.88 -36.86 -31.38
N GLY A 391 13.15 -36.17 -30.27
CA GLY A 391 12.25 -35.15 -29.78
C GLY A 391 12.62 -34.66 -28.40
N GLY A 392 11.61 -34.26 -27.64
CA GLY A 392 11.83 -33.73 -26.30
C GLY A 392 11.26 -32.35 -26.13
N ILE A 393 12.04 -31.47 -25.49
CA ILE A 393 11.57 -30.13 -25.18
C ILE A 393 12.51 -29.05 -25.72
N ILE A 394 11.94 -28.09 -26.44
CA ILE A 394 12.67 -26.90 -26.87
C ILE A 394 12.16 -25.71 -26.05
N HIS A 395 13.09 -24.90 -25.54
CA HIS A 395 12.70 -23.80 -24.67
C HIS A 395 13.22 -22.44 -25.18
N PHE A 396 12.31 -21.62 -25.70
CA PHE A 396 12.63 -20.24 -26.06
C PHE A 396 12.45 -19.35 -24.84
N GLU A 397 13.55 -18.96 -24.22
CA GLU A 397 13.52 -18.27 -22.93
C GLU A 397 14.53 -17.13 -22.88
N VAL A 398 14.09 -15.96 -22.43
CA VAL A 398 14.93 -14.76 -22.42
C VAL A 398 15.92 -14.75 -21.23
N SER A 399 15.54 -15.37 -20.12
CA SER A 399 16.38 -15.39 -18.93
C SER A 399 17.12 -16.71 -18.78
N PRO A 400 18.46 -16.67 -18.86
CA PRO A 400 19.33 -17.84 -18.73
C PRO A 400 19.07 -18.62 -17.44
N LYS A 401 18.76 -17.91 -16.37
CA LYS A 401 18.53 -18.50 -15.07
C LYS A 401 17.28 -19.39 -15.01
N ASN A 402 16.36 -19.17 -15.96
CA ASN A 402 15.15 -19.99 -16.05
C ASN A 402 15.31 -21.21 -16.96
N ILE A 403 16.42 -21.26 -17.70
CA ILE A 403 16.72 -22.39 -18.56
C ILE A 403 17.16 -23.59 -17.73
N ASN A 404 16.50 -24.74 -17.94
CA ASN A 404 16.78 -25.97 -17.19
C ASN A 404 16.65 -25.79 -15.68
N LYS A 405 15.74 -24.92 -15.27
CA LYS A 405 15.49 -24.68 -13.85
C LYS A 405 14.43 -25.64 -13.32
N VAL A 406 13.48 -25.97 -14.18
CA VAL A 406 12.36 -26.83 -13.82
C VAL A 406 12.40 -28.15 -14.58
N VAL A 407 12.37 -28.05 -15.91
CA VAL A 407 12.48 -29.23 -16.77
C VAL A 407 13.84 -29.25 -17.46
N GLN A 408 14.40 -30.44 -17.63
CA GLN A 408 15.61 -30.57 -18.45
C GLN A 408 15.18 -30.45 -19.90
N THR A 409 15.77 -29.52 -20.63
CA THR A 409 15.42 -29.29 -22.02
C THR A 409 16.49 -29.86 -22.95
N GLN A 410 16.08 -30.27 -24.14
CA GLN A 410 17.02 -30.79 -25.13
C GLN A 410 17.71 -29.62 -25.83
N ILE A 411 16.93 -28.57 -26.10
CA ILE A 411 17.45 -27.39 -26.78
C ILE A 411 16.92 -26.11 -26.14
N ALA A 412 17.83 -25.24 -25.72
CA ALA A 412 17.46 -23.95 -25.19
C ALA A 412 17.85 -22.86 -26.17
N VAL A 413 16.87 -22.10 -26.63
CA VAL A 413 17.15 -20.97 -27.51
C VAL A 413 17.06 -19.69 -26.69
N GLU A 414 18.22 -19.14 -26.35
CA GLU A 414 18.30 -18.02 -25.41
C GLU A 414 18.04 -16.67 -26.09
N GLY A 415 17.26 -15.83 -25.41
CA GLY A 415 16.98 -14.49 -25.92
C GLY A 415 15.51 -14.25 -26.17
N ASP A 416 15.20 -13.15 -26.86
CA ASP A 416 13.82 -12.81 -27.19
C ASP A 416 13.18 -13.85 -28.10
N ALA A 417 12.04 -14.38 -27.66
CA ALA A 417 11.35 -15.45 -28.39
C ALA A 417 10.96 -15.03 -29.79
N THR A 418 10.29 -13.88 -29.90
CA THR A 418 9.86 -13.35 -31.18
C THR A 418 11.03 -13.19 -32.15
N THR A 419 12.12 -12.58 -31.67
CA THR A 419 13.31 -12.40 -32.49
C THR A 419 13.82 -13.75 -32.99
N ASN A 420 13.91 -14.72 -32.10
CA ASN A 420 14.46 -16.02 -32.46
C ASN A 420 13.53 -16.84 -33.35
N LEU A 421 12.23 -16.69 -33.16
CA LEU A 421 11.25 -17.34 -34.04
C LEU A 421 11.42 -16.80 -35.46
N GLY A 422 11.60 -15.48 -35.57
CA GLY A 422 11.83 -14.85 -36.85
C GLY A 422 13.04 -15.41 -37.58
N LYS A 423 14.13 -15.61 -36.83
CA LYS A 423 15.35 -16.16 -37.41
C LYS A 423 15.19 -17.63 -37.79
N MET A 424 14.32 -18.33 -37.07
CA MET A 424 14.13 -19.77 -37.29
C MET A 424 13.24 -20.08 -38.48
N MET A 425 12.25 -19.20 -38.70
CA MET A 425 11.16 -19.44 -39.67
C MET A 425 11.58 -20.02 -41.03
N SER A 426 12.59 -19.42 -41.66
CA SER A 426 13.01 -19.85 -42.99
C SER A 426 13.62 -21.25 -42.99
N LYS A 427 14.02 -21.72 -41.81
CA LYS A 427 14.61 -23.05 -41.67
C LYS A 427 13.55 -24.11 -41.37
N ILE A 428 12.31 -23.68 -41.19
CA ILE A 428 11.22 -24.60 -40.89
C ILE A 428 10.62 -25.22 -42.16
N PHE A 429 10.53 -26.55 -42.19
CA PHE A 429 9.92 -27.24 -43.33
C PHE A 429 8.41 -27.06 -43.35
N PRO A 430 7.89 -26.54 -44.47
CA PRO A 430 6.45 -26.37 -44.63
C PRO A 430 5.73 -27.71 -44.64
N VAL A 431 4.87 -27.93 -43.64
CA VAL A 431 4.10 -29.17 -43.52
C VAL A 431 2.68 -28.96 -44.04
N LYS A 432 2.26 -29.77 -45.02
CA LYS A 432 0.93 -29.62 -45.59
C LYS A 432 -0.14 -30.06 -44.62
N GLU A 433 0.08 -31.19 -43.95
CA GLU A 433 -0.91 -31.73 -43.03
C GLU A 433 -0.34 -32.67 -41.97
N ARG A 434 -1.04 -32.74 -40.84
CA ARG A 434 -0.78 -33.75 -39.83
C ARG A 434 -2.13 -34.38 -39.49
N SER A 435 -2.67 -35.13 -40.46
CA SER A 435 -4.03 -35.65 -40.38
C SER A 435 -4.32 -36.47 -39.12
N GLU A 436 -3.48 -37.46 -38.84
CA GLU A 436 -3.66 -38.32 -37.68
C GLU A 436 -3.60 -37.55 -36.35
N TRP A 437 -2.60 -36.69 -36.22
CA TRP A 437 -2.40 -35.92 -35.00
C TRP A 437 -3.60 -35.02 -34.72
N PHE A 438 -4.06 -34.31 -35.74
CA PHE A 438 -5.22 -33.44 -35.58
C PHE A 438 -6.54 -34.21 -35.45
N ALA A 439 -6.58 -35.43 -36.00
CA ALA A 439 -7.75 -36.28 -35.85
C ALA A 439 -7.91 -36.73 -34.40
N GLN A 440 -6.80 -37.13 -33.79
CA GLN A 440 -6.80 -37.55 -32.39
C GLN A 440 -7.20 -36.38 -31.50
N ILE A 441 -6.63 -35.21 -31.78
CA ILE A 441 -6.92 -33.99 -31.04
C ILE A 441 -8.41 -33.63 -31.13
N ASN A 442 -8.95 -33.67 -32.34
CA ASN A 442 -10.36 -33.36 -32.56
C ASN A 442 -11.30 -34.39 -31.92
N LYS A 443 -10.83 -35.64 -31.82
CA LYS A 443 -11.60 -36.67 -31.12
C LYS A 443 -11.67 -36.34 -29.64
N TRP A 444 -10.53 -35.95 -29.07
CA TRP A 444 -10.45 -35.53 -27.67
C TRP A 444 -11.36 -34.34 -27.41
N LYS A 445 -11.43 -33.43 -28.36
CA LYS A 445 -12.26 -32.24 -28.23
C LYS A 445 -13.74 -32.60 -28.11
N LYS A 446 -14.14 -33.68 -28.78
CA LYS A 446 -15.50 -34.21 -28.64
C LYS A 446 -15.68 -34.86 -27.27
N GLU A 447 -14.74 -35.72 -26.90
CA GLU A 447 -14.84 -36.51 -25.68
C GLU A 447 -14.78 -35.68 -24.38
N TYR A 448 -13.93 -34.65 -24.35
CA TYR A 448 -13.71 -33.90 -23.11
C TYR A 448 -13.87 -32.39 -23.24
N PRO A 449 -15.11 -31.89 -23.43
CA PRO A 449 -15.29 -30.44 -23.37
C PRO A 449 -15.32 -29.96 -21.92
N TYR A 450 -15.31 -28.64 -21.71
CA TYR A 450 -15.49 -28.08 -20.38
C TYR A 450 -16.85 -28.48 -19.81
N ALA A 451 -16.95 -28.57 -18.49
CA ALA A 451 -18.20 -28.99 -17.87
C ALA A 451 -18.44 -28.32 -16.51
N TYR A 452 -19.60 -27.68 -16.39
CA TYR A 452 -20.03 -27.11 -15.11
C TYR A 452 -21.52 -27.31 -14.92
N MET A 453 -21.94 -27.51 -13.67
CA MET A 453 -23.34 -27.69 -13.32
C MET A 453 -24.15 -26.51 -13.83
N GLU A 454 -24.70 -26.64 -15.04
CA GLU A 454 -25.40 -25.55 -15.69
C GLU A 454 -26.73 -25.22 -15.01
N GLU A 455 -27.34 -24.11 -15.44
CA GLU A 455 -28.49 -23.55 -14.77
C GLU A 455 -29.79 -24.30 -15.09
N THR A 456 -30.61 -24.47 -14.05
CA THR A 456 -31.93 -25.05 -14.19
C THR A 456 -32.96 -23.97 -13.86
N PRO A 457 -34.15 -24.04 -14.48
CA PRO A 457 -35.22 -23.05 -14.23
C PRO A 457 -35.49 -22.78 -12.75
N GLY A 458 -35.43 -21.51 -12.36
CA GLY A 458 -35.69 -21.12 -10.98
C GLY A 458 -34.46 -21.12 -10.10
N SER A 459 -33.32 -21.55 -10.65
CA SER A 459 -32.08 -21.62 -9.87
C SER A 459 -31.32 -20.30 -9.94
N LYS A 460 -30.39 -20.12 -9.00
CA LYS A 460 -29.48 -18.98 -9.04
C LYS A 460 -28.65 -19.03 -10.31
N ILE A 461 -28.22 -17.86 -10.76
CA ILE A 461 -27.38 -17.75 -11.95
C ILE A 461 -25.99 -18.34 -11.68
N LYS A 462 -25.47 -19.08 -12.64
CA LYS A 462 -24.10 -19.60 -12.55
C LYS A 462 -23.13 -18.59 -13.16
N PRO A 463 -22.04 -18.27 -12.43
CA PRO A 463 -21.03 -17.31 -12.87
C PRO A 463 -20.41 -17.66 -14.22
N GLN A 464 -20.20 -18.95 -14.49
CA GLN A 464 -19.64 -19.39 -15.77
C GLN A 464 -20.57 -19.01 -16.93
N THR A 465 -21.88 -19.06 -16.68
CA THR A 465 -22.87 -18.72 -17.69
C THR A 465 -22.82 -17.23 -18.04
N VAL A 466 -22.69 -16.39 -17.01
CA VAL A 466 -22.55 -14.95 -17.20
C VAL A 466 -21.36 -14.65 -18.10
N ILE A 467 -20.22 -15.26 -17.78
CA ILE A 467 -18.99 -15.08 -18.52
C ILE A 467 -19.13 -15.56 -19.97
N LYS A 468 -19.74 -16.74 -20.14
CA LYS A 468 -20.00 -17.28 -21.47
C LYS A 468 -20.84 -16.32 -22.31
N LYS A 469 -21.96 -15.88 -21.74
CA LYS A 469 -22.88 -14.98 -22.43
C LYS A 469 -22.24 -13.62 -22.74
N LEU A 470 -21.51 -13.07 -21.76
CA LEU A 470 -20.87 -11.78 -21.92
C LEU A 470 -19.80 -11.80 -23.02
N SER A 471 -19.06 -12.90 -23.10
CA SER A 471 -18.06 -13.08 -24.15
C SER A 471 -18.71 -12.97 -25.52
N LYS A 472 -19.84 -13.66 -25.69
CA LYS A 472 -20.60 -13.62 -26.93
C LYS A 472 -21.14 -12.21 -27.21
N VAL A 473 -21.74 -11.60 -26.20
CA VAL A 473 -22.26 -10.24 -26.31
C VAL A 473 -21.16 -9.23 -26.66
N ALA A 474 -20.03 -9.34 -25.97
CA ALA A 474 -18.89 -8.45 -26.22
C ALA A 474 -18.36 -8.59 -27.65
N ASN A 475 -18.17 -9.82 -28.10
CA ASN A 475 -17.69 -10.07 -29.46
C ASN A 475 -18.65 -9.57 -30.54
N ASP A 476 -19.95 -9.66 -30.26
CA ASP A 476 -20.97 -9.25 -31.21
C ASP A 476 -21.03 -7.74 -31.42
N THR A 477 -20.29 -7.00 -30.61
CA THR A 477 -20.18 -5.55 -30.77
C THR A 477 -19.26 -5.22 -31.94
N GLY A 478 -18.40 -6.16 -32.30
CA GLY A 478 -17.43 -5.94 -33.36
C GLY A 478 -16.27 -5.08 -32.92
N ARG A 479 -16.28 -4.70 -31.64
CA ARG A 479 -15.25 -3.83 -31.09
C ARG A 479 -14.04 -4.64 -30.63
N HIS A 480 -12.91 -3.96 -30.47
CA HIS A 480 -11.75 -4.59 -29.81
C HIS A 480 -12.07 -4.66 -28.33
N VAL A 481 -11.94 -5.86 -27.74
CA VAL A 481 -12.34 -6.06 -26.36
C VAL A 481 -11.16 -6.43 -25.47
N ILE A 482 -11.06 -5.75 -24.33
CA ILE A 482 -10.03 -6.05 -23.34
C ILE A 482 -10.71 -6.46 -22.04
N VAL A 483 -10.16 -7.49 -21.39
CA VAL A 483 -10.72 -7.99 -20.14
C VAL A 483 -9.71 -7.94 -19.01
N THR A 484 -10.09 -7.30 -17.91
CA THR A 484 -9.32 -7.38 -16.66
C THR A 484 -10.13 -8.19 -15.66
N THR A 485 -9.48 -8.73 -14.65
CA THR A 485 -10.19 -9.45 -13.59
C THR A 485 -9.63 -9.09 -12.23
N GLY A 486 -10.37 -9.46 -11.19
CA GLY A 486 -9.84 -9.45 -9.84
C GLY A 486 -9.18 -10.79 -9.56
N VAL A 487 -9.11 -11.15 -8.29
CA VAL A 487 -8.50 -12.42 -7.90
C VAL A 487 -9.50 -13.28 -7.14
N GLY A 488 -9.65 -14.53 -7.58
CA GLY A 488 -10.60 -15.45 -6.99
C GLY A 488 -11.10 -16.44 -8.02
N GLN A 489 -12.24 -17.07 -7.75
CA GLN A 489 -12.81 -18.05 -8.67
C GLN A 489 -13.20 -17.42 -10.01
N HIS A 490 -13.69 -16.18 -9.97
CA HIS A 490 -14.09 -15.48 -11.18
C HIS A 490 -12.91 -15.32 -12.15
N GLN A 491 -11.71 -15.19 -11.59
CA GLN A 491 -10.50 -15.04 -12.39
C GLN A 491 -10.26 -16.28 -13.25
N MET A 492 -10.31 -17.45 -12.62
CA MET A 492 -10.12 -18.71 -13.34
C MET A 492 -11.26 -18.96 -14.33
N TRP A 493 -12.48 -18.62 -13.92
CA TRP A 493 -13.66 -18.79 -14.78
C TRP A 493 -13.57 -17.89 -16.01
N ALA A 494 -13.06 -16.68 -15.83
CA ALA A 494 -12.86 -15.77 -16.94
C ALA A 494 -11.86 -16.37 -17.93
N ALA A 495 -10.75 -16.89 -17.41
CA ALA A 495 -9.73 -17.52 -18.24
C ALA A 495 -10.32 -18.68 -19.05
N GLN A 496 -11.09 -19.54 -18.39
CA GLN A 496 -11.64 -20.74 -19.01
C GLN A 496 -12.77 -20.47 -20.02
N HIS A 497 -13.76 -19.69 -19.60
CA HIS A 497 -15.02 -19.61 -20.34
C HIS A 497 -15.17 -18.43 -21.30
N TRP A 498 -14.21 -17.51 -21.27
CA TRP A 498 -14.17 -16.43 -22.26
C TRP A 498 -13.50 -16.96 -23.52
N THR A 499 -13.90 -16.46 -24.69
CA THR A 499 -13.24 -16.85 -25.93
C THR A 499 -12.17 -15.84 -26.33
N TRP A 500 -10.90 -16.23 -26.18
CA TRP A 500 -9.78 -15.32 -26.42
C TRP A 500 -9.36 -15.31 -27.89
N ARG A 501 -9.24 -14.12 -28.46
CA ARG A 501 -8.99 -13.99 -29.89
C ARG A 501 -7.80 -13.07 -30.21
N ASN A 502 -7.61 -12.02 -29.42
CA ASN A 502 -6.59 -11.02 -29.71
C ASN A 502 -5.57 -10.87 -28.60
N PRO A 503 -4.31 -10.55 -28.98
CA PRO A 503 -3.24 -10.39 -27.98
C PRO A 503 -3.40 -9.12 -27.14
N HIS A 504 -2.88 -9.15 -25.92
CA HIS A 504 -2.97 -8.01 -24.99
C HIS A 504 -4.43 -7.65 -24.66
N THR A 505 -5.24 -8.69 -24.43
CA THR A 505 -6.64 -8.51 -24.09
C THR A 505 -7.03 -9.21 -22.78
N PHE A 506 -6.10 -9.97 -22.21
CA PHE A 506 -6.34 -10.59 -20.90
C PHE A 506 -5.36 -10.03 -19.88
N ILE A 507 -5.88 -9.22 -18.97
CA ILE A 507 -5.06 -8.49 -18.00
C ILE A 507 -5.43 -8.91 -16.58
N THR A 508 -4.65 -9.82 -16.00
CA THR A 508 -5.01 -10.41 -14.71
C THR A 508 -3.78 -10.66 -13.86
N SER A 509 -3.93 -10.53 -12.55
CA SER A 509 -2.81 -10.72 -11.62
C SER A 509 -2.56 -12.20 -11.36
N GLY A 510 -1.51 -12.76 -11.98
CA GLY A 510 -1.23 -14.18 -11.88
C GLY A 510 -0.18 -14.55 -10.84
N GLY A 511 0.95 -13.86 -10.86
CA GLY A 511 2.07 -14.23 -10.00
C GLY A 511 1.87 -13.86 -8.54
N LEU A 512 1.39 -12.64 -8.30
CA LEU A 512 1.18 -12.17 -6.94
C LEU A 512 -0.26 -12.39 -6.49
N GLY A 513 -1.19 -12.35 -7.45
CA GLY A 513 -2.60 -12.51 -7.16
C GLY A 513 -3.15 -11.40 -6.29
N THR A 514 -2.97 -10.16 -6.73
CA THR A 514 -3.40 -9.00 -5.97
C THR A 514 -4.89 -8.71 -6.11
N MET A 515 -5.66 -8.93 -5.05
CA MET A 515 -7.07 -8.55 -5.03
C MET A 515 -7.18 -7.03 -5.16
N GLY A 516 -8.14 -6.58 -5.96
CA GLY A 516 -8.34 -5.15 -6.18
C GLY A 516 -7.76 -4.72 -7.52
N TYR A 517 -7.08 -5.65 -8.18
CA TYR A 517 -6.38 -5.39 -9.44
C TYR A 517 -7.32 -4.93 -10.55
N GLY A 518 -8.48 -5.58 -10.66
CA GLY A 518 -9.38 -5.41 -11.79
C GLY A 518 -9.75 -4.00 -12.20
N LEU A 519 -10.26 -3.21 -11.26
CA LEU A 519 -10.73 -1.86 -11.60
C LEU A 519 -9.62 -0.90 -12.07
N PRO A 520 -8.55 -0.73 -11.27
CA PRO A 520 -7.49 0.18 -11.74
C PRO A 520 -6.79 -0.33 -13.00
N ALA A 521 -6.65 -1.65 -13.14
CA ALA A 521 -6.03 -2.21 -14.34
C ALA A 521 -6.87 -1.90 -15.57
N ALA A 522 -8.19 -1.97 -15.41
CA ALA A 522 -9.12 -1.65 -16.49
C ALA A 522 -8.99 -0.18 -16.91
N ILE A 523 -8.91 0.71 -15.93
CA ILE A 523 -8.75 2.13 -16.18
C ILE A 523 -7.48 2.41 -17.00
N GLY A 524 -6.36 1.84 -16.57
CA GLY A 524 -5.11 2.00 -17.29
C GLY A 524 -5.17 1.43 -18.69
N ALA A 525 -5.77 0.24 -18.81
CA ALA A 525 -5.95 -0.40 -20.11
C ALA A 525 -6.80 0.48 -21.01
N GLN A 526 -7.83 1.09 -20.45
CA GLN A 526 -8.72 1.94 -21.22
C GLN A 526 -7.97 3.19 -21.72
N VAL A 527 -7.10 3.74 -20.87
CA VAL A 527 -6.28 4.88 -21.27
C VAL A 527 -5.37 4.51 -22.43
N ALA A 528 -4.78 3.31 -22.34
CA ALA A 528 -3.90 2.81 -23.40
C ALA A 528 -4.67 2.59 -24.70
N LYS A 529 -5.91 2.12 -24.58
CA LYS A 529 -6.73 1.79 -25.75
C LYS A 529 -8.12 2.43 -25.64
N PRO A 530 -8.19 3.75 -25.90
CA PRO A 530 -9.41 4.55 -25.70
C PRO A 530 -10.62 4.06 -26.50
N GLU A 531 -10.38 3.40 -27.63
CA GLU A 531 -11.47 2.96 -28.49
C GLU A 531 -11.92 1.52 -28.18
N SER A 532 -11.14 0.83 -27.35
CA SER A 532 -11.46 -0.53 -26.97
C SER A 532 -12.59 -0.57 -25.95
N LEU A 533 -13.40 -1.62 -26.01
CA LEU A 533 -14.33 -1.93 -24.94
C LEU A 533 -13.55 -2.63 -23.83
N VAL A 534 -13.54 -2.05 -22.64
CA VAL A 534 -12.75 -2.61 -21.55
C VAL A 534 -13.67 -3.12 -20.43
N ILE A 535 -13.56 -4.41 -20.13
CA ILE A 535 -14.44 -5.04 -19.15
C ILE A 535 -13.65 -5.59 -17.96
N ASP A 536 -14.07 -5.24 -16.75
CA ASP A 536 -13.49 -5.80 -15.54
C ASP A 536 -14.42 -6.88 -15.00
N ILE A 537 -14.00 -8.14 -15.10
CA ILE A 537 -14.75 -9.24 -14.51
C ILE A 537 -14.26 -9.44 -13.08
N ASP A 538 -15.05 -9.01 -12.10
CA ASP A 538 -14.57 -8.87 -10.74
C ASP A 538 -15.39 -9.67 -9.73
N GLY A 539 -14.80 -9.91 -8.56
CA GLY A 539 -15.53 -10.51 -7.46
C GLY A 539 -15.82 -9.45 -6.41
N ASP A 540 -16.76 -9.73 -5.50
CA ASP A 540 -17.17 -8.72 -4.52
C ASP A 540 -16.06 -8.36 -3.55
N ALA A 541 -15.32 -9.36 -3.08
CA ALA A 541 -14.25 -9.13 -2.12
C ALA A 541 -13.08 -8.38 -2.75
N SER A 542 -12.62 -8.83 -3.92
CA SER A 542 -11.59 -8.14 -4.68
C SER A 542 -11.97 -6.69 -4.99
N PHE A 543 -13.18 -6.50 -5.50
CA PHE A 543 -13.65 -5.17 -5.88
C PHE A 543 -13.62 -4.21 -4.68
N ASN A 544 -14.01 -4.71 -3.51
CA ASN A 544 -13.99 -3.90 -2.29
C ASN A 544 -12.62 -3.33 -1.95
N MET A 545 -11.55 -4.01 -2.37
CA MET A 545 -10.19 -3.57 -2.07
C MET A 545 -9.90 -2.17 -2.64
N THR A 546 -10.30 -1.93 -3.88
CA THR A 546 -9.91 -0.69 -4.57
C THR A 546 -11.08 0.09 -5.17
N LEU A 547 -12.28 -0.09 -4.63
CA LEU A 547 -13.48 0.52 -5.20
C LEU A 547 -13.47 2.05 -5.25
N THR A 548 -12.58 2.68 -4.47
CA THR A 548 -12.49 4.14 -4.47
C THR A 548 -12.10 4.68 -5.84
N GLU A 549 -11.49 3.83 -6.66
CA GLU A 549 -11.04 4.25 -7.98
C GLU A 549 -12.17 4.40 -9.00
N LEU A 550 -13.39 4.07 -8.59
CA LEU A 550 -14.57 4.28 -9.45
C LEU A 550 -14.68 5.74 -9.89
N SER A 551 -14.43 6.66 -8.95
CA SER A 551 -14.48 8.08 -9.25
C SER A 551 -13.32 8.48 -10.16
N SER A 552 -12.20 7.77 -10.04
CA SER A 552 -11.05 8.01 -10.90
C SER A 552 -11.38 7.67 -12.35
N ALA A 553 -12.18 6.64 -12.54
CA ALA A 553 -12.64 6.26 -13.87
C ALA A 553 -13.48 7.36 -14.51
N VAL A 554 -14.38 7.95 -13.73
CA VAL A 554 -15.20 9.05 -14.22
C VAL A 554 -14.34 10.27 -14.58
N GLN A 555 -13.39 10.60 -13.70
CA GLN A 555 -12.53 11.75 -13.90
C GLN A 555 -11.59 11.58 -15.10
N ALA A 556 -11.11 10.37 -15.33
CA ALA A 556 -10.20 10.11 -16.43
C ALA A 556 -10.92 9.93 -17.76
N GLY A 557 -12.25 9.91 -17.73
CA GLY A 557 -13.02 9.68 -18.93
C GLY A 557 -12.85 8.29 -19.51
N THR A 558 -12.62 7.31 -18.64
CA THR A 558 -12.51 5.92 -19.06
C THR A 558 -13.82 5.17 -18.84
N PRO A 559 -14.54 4.88 -19.94
CA PRO A 559 -15.86 4.24 -19.87
C PRO A 559 -15.73 2.74 -19.64
N VAL A 560 -15.04 2.36 -18.57
CA VAL A 560 -14.85 0.96 -18.25
C VAL A 560 -16.17 0.29 -17.90
N LYS A 561 -16.27 -1.00 -18.21
CA LYS A 561 -17.45 -1.79 -17.85
C LYS A 561 -17.13 -2.71 -16.69
N ILE A 562 -17.66 -2.38 -15.50
CA ILE A 562 -17.36 -3.14 -14.30
C ILE A 562 -18.41 -4.22 -14.01
N LEU A 563 -17.98 -5.48 -14.04
CA LEU A 563 -18.86 -6.60 -13.74
C LEU A 563 -18.53 -7.18 -12.37
N ILE A 564 -19.52 -7.18 -11.48
CA ILE A 564 -19.38 -7.80 -10.17
C ILE A 564 -20.17 -9.09 -10.09
N LEU A 565 -19.47 -10.22 -9.99
CA LEU A 565 -20.12 -11.50 -9.74
C LEU A 565 -20.21 -11.70 -8.23
N ASN A 566 -21.36 -11.35 -7.66
CA ASN A 566 -21.53 -11.35 -6.21
C ASN A 566 -22.06 -12.69 -5.69
N ASN A 567 -21.20 -13.44 -5.01
CA ASN A 567 -21.57 -14.73 -4.43
C ASN A 567 -21.68 -14.69 -2.91
N GLU A 568 -22.64 -13.92 -2.41
CA GLU A 568 -22.87 -13.81 -0.97
C GLU A 568 -24.36 -13.76 -0.62
N SER A 586 -17.38 -22.36 10.56
CA SER A 586 -18.24 -21.46 9.79
C SER A 586 -17.47 -20.78 8.67
N HIS A 587 -18.07 -19.76 8.08
CA HIS A 587 -17.46 -19.06 6.95
C HIS A 587 -16.96 -17.67 7.37
N THR A 588 -16.49 -16.90 6.39
CA THR A 588 -16.12 -15.51 6.62
C THR A 588 -17.10 -14.59 5.89
N HIS A 589 -18.01 -13.98 6.63
CA HIS A 589 -19.01 -13.09 6.04
C HIS A 589 -18.51 -11.66 6.01
N GLN A 590 -18.43 -11.10 4.80
CA GLN A 590 -18.05 -9.70 4.65
C GLN A 590 -19.27 -8.87 4.24
N LEU A 591 -19.50 -7.78 4.97
CA LEU A 591 -20.60 -6.89 4.63
C LEU A 591 -20.27 -6.06 3.40
N ASN A 592 -21.01 -6.30 2.31
CA ASN A 592 -20.86 -5.52 1.10
C ASN A 592 -21.68 -4.25 1.14
N PRO A 593 -21.22 -3.21 0.42
CA PRO A 593 -22.07 -2.03 0.23
C PRO A 593 -23.06 -2.27 -0.90
N ASP A 594 -24.07 -1.41 -1.04
CA ASP A 594 -24.96 -1.46 -2.19
C ASP A 594 -24.15 -1.01 -3.40
N PHE A 595 -23.79 -1.95 -4.27
CA PHE A 595 -22.91 -1.64 -5.39
C PHE A 595 -23.53 -0.67 -6.42
N ILE A 596 -24.85 -0.75 -6.59
CA ILE A 596 -25.53 0.13 -7.53
C ILE A 596 -25.57 1.56 -6.99
N LYS A 597 -25.91 1.71 -5.70
CA LYS A 597 -25.89 3.02 -5.07
C LYS A 597 -24.47 3.57 -4.98
N LEU A 598 -23.50 2.69 -4.76
CA LEU A 598 -22.09 3.09 -4.74
C LEU A 598 -21.68 3.67 -6.10
N ALA A 599 -22.00 2.96 -7.17
CA ALA A 599 -21.66 3.41 -8.52
C ALA A 599 -22.27 4.78 -8.79
N GLU A 600 -23.53 4.95 -8.42
CA GLU A 600 -24.22 6.23 -8.59
C GLU A 600 -23.55 7.34 -7.78
N ALA A 601 -23.15 7.04 -6.55
CA ALA A 601 -22.43 7.99 -5.71
C ALA A 601 -21.10 8.40 -6.33
N MET A 602 -20.51 7.48 -7.10
CA MET A 602 -19.22 7.71 -7.74
C MET A 602 -19.37 8.36 -9.12
N GLY A 603 -20.59 8.42 -9.63
CA GLY A 603 -20.85 9.07 -10.91
C GLY A 603 -21.03 8.13 -12.09
N LEU A 604 -21.22 6.84 -11.81
CA LEU A 604 -21.44 5.83 -12.85
C LEU A 604 -22.89 5.39 -12.86
N LYS A 605 -23.32 4.85 -13.99
CA LYS A 605 -24.59 4.13 -14.05
C LYS A 605 -24.42 2.79 -13.34
N GLY A 606 -25.46 2.37 -12.61
CA GLY A 606 -25.41 1.10 -11.90
C GLY A 606 -26.54 0.19 -12.33
N LEU A 607 -26.20 -1.07 -12.62
CA LEU A 607 -27.19 -2.06 -13.05
C LEU A 607 -27.10 -3.31 -12.19
N ARG A 608 -28.24 -3.99 -12.00
CA ARG A 608 -28.28 -5.20 -11.18
C ARG A 608 -29.15 -6.31 -11.79
N VAL A 609 -28.69 -7.55 -11.64
CA VAL A 609 -29.43 -8.73 -12.10
C VAL A 609 -29.55 -9.74 -10.97
N LYS A 610 -30.78 -10.17 -10.69
CA LYS A 610 -31.03 -11.17 -9.66
C LYS A 610 -31.56 -12.47 -10.27
N LYS A 611 -32.21 -12.36 -11.42
CA LYS A 611 -32.90 -13.50 -12.01
C LYS A 611 -32.38 -13.85 -13.42
N GLN A 612 -32.51 -15.14 -13.77
CA GLN A 612 -31.96 -15.65 -15.02
C GLN A 612 -32.53 -14.97 -16.27
N GLU A 613 -33.80 -14.59 -16.21
CA GLU A 613 -34.49 -14.05 -17.38
C GLU A 613 -34.17 -12.57 -17.68
N GLU A 614 -33.61 -11.87 -16.70
CA GLU A 614 -33.22 -10.47 -16.93
C GLU A 614 -31.74 -10.33 -17.29
N LEU A 615 -31.04 -11.46 -17.38
CA LEU A 615 -29.58 -11.45 -17.59
C LEU A 615 -29.15 -10.97 -18.98
N ASP A 616 -29.71 -11.59 -20.03
CA ASP A 616 -29.34 -11.27 -21.40
C ASP A 616 -29.57 -9.80 -21.78
N ALA A 617 -30.69 -9.25 -21.33
CA ALA A 617 -31.03 -7.86 -21.60
C ALA A 617 -30.04 -6.92 -20.93
N LYS A 618 -29.76 -7.16 -19.66
CA LYS A 618 -28.86 -6.31 -18.89
C LYS A 618 -27.43 -6.38 -19.42
N LEU A 619 -27.02 -7.55 -19.88
CA LEU A 619 -25.68 -7.71 -20.46
C LEU A 619 -25.54 -6.85 -21.69
N LYS A 620 -26.60 -6.79 -22.49
CA LYS A 620 -26.63 -5.93 -23.67
C LYS A 620 -26.62 -4.45 -23.30
N GLU A 621 -27.45 -4.07 -22.35
CA GLU A 621 -27.46 -2.68 -21.85
C GLU A 621 -26.10 -2.32 -21.25
N PHE A 622 -25.52 -3.24 -20.49
CA PHE A 622 -24.20 -3.10 -19.87
C PHE A 622 -23.15 -2.68 -20.90
N VAL A 623 -23.02 -3.49 -21.94
CA VAL A 623 -22.01 -3.27 -22.98
C VAL A 623 -22.34 -2.04 -23.85
N SER A 624 -23.63 -1.82 -24.11
CA SER A 624 -24.08 -0.73 -24.96
C SER A 624 -24.04 0.62 -24.26
N THR A 625 -23.99 0.60 -22.93
CA THR A 625 -24.01 1.84 -22.16
C THR A 625 -22.78 2.68 -22.45
N LYS A 626 -23.00 3.96 -22.74
CA LYS A 626 -21.90 4.91 -22.89
C LYS A 626 -21.47 5.43 -21.52
N GLY A 627 -20.19 5.67 -21.36
CA GLY A 627 -19.64 6.03 -20.07
C GLY A 627 -19.36 4.80 -19.23
N PRO A 628 -18.75 4.99 -18.06
CA PRO A 628 -18.47 3.87 -17.17
C PRO A 628 -19.75 3.34 -16.55
N VAL A 629 -19.83 2.02 -16.35
CA VAL A 629 -21.03 1.40 -15.82
C VAL A 629 -20.68 0.19 -14.97
N LEU A 630 -21.40 0.00 -13.87
CA LEU A 630 -21.22 -1.18 -13.05
C LEU A 630 -22.44 -2.08 -13.18
N LEU A 631 -22.21 -3.37 -13.44
CA LEU A 631 -23.27 -4.35 -13.45
C LEU A 631 -23.00 -5.40 -12.38
N GLU A 632 -23.89 -5.50 -11.41
CA GLU A 632 -23.80 -6.57 -10.42
C GLU A 632 -24.71 -7.71 -10.82
N VAL A 633 -24.16 -8.93 -10.81
CA VAL A 633 -24.97 -10.11 -11.04
C VAL A 633 -24.94 -10.97 -9.77
N GLU A 634 -26.10 -11.14 -9.15
CA GLU A 634 -26.21 -12.02 -8.00
C GLU A 634 -26.05 -13.44 -8.49
N VAL A 635 -25.16 -14.19 -7.84
CA VAL A 635 -24.68 -15.43 -8.41
C VAL A 635 -24.58 -16.57 -7.40
N ASP A 636 -24.70 -17.80 -7.89
CA ASP A 636 -24.65 -19.00 -7.06
C ASP A 636 -23.28 -19.19 -6.44
N LYS A 637 -23.26 -19.62 -5.18
CA LYS A 637 -22.01 -19.89 -4.47
C LYS A 637 -21.47 -21.27 -4.83
N LYS A 638 -20.15 -21.37 -4.94
CA LYS A 638 -19.49 -22.65 -5.20
C LYS A 638 -19.65 -23.58 -4.00
N ASP B 74 11.71 -27.10 33.27
CA ASP B 74 12.62 -26.52 32.29
C ASP B 74 12.11 -26.72 30.86
N MET B 75 11.48 -27.88 30.64
CA MET B 75 10.85 -28.15 29.36
C MET B 75 9.34 -27.95 29.48
N ASP B 76 8.75 -27.25 28.51
CA ASP B 76 7.31 -27.07 28.47
C ASP B 76 6.69 -28.15 27.58
N THR B 77 5.59 -28.74 28.03
CA THR B 77 4.96 -29.84 27.31
C THR B 77 3.54 -29.46 26.93
N SER B 78 3.06 -28.33 27.44
CA SER B 78 1.68 -27.91 27.30
C SER B 78 1.22 -27.72 25.84
N PHE B 79 2.16 -27.50 24.94
CA PHE B 79 1.82 -27.26 23.53
C PHE B 79 1.97 -28.50 22.66
N VAL B 80 2.46 -29.59 23.24
CA VAL B 80 2.61 -30.84 22.50
C VAL B 80 1.26 -31.35 22.03
N GLY B 81 1.13 -31.60 20.73
CA GLY B 81 -0.12 -32.11 20.17
C GLY B 81 -0.96 -31.03 19.50
N LEU B 82 -0.54 -29.78 19.64
CA LEU B 82 -1.26 -28.67 19.03
C LEU B 82 -0.67 -28.29 17.68
N THR B 83 -1.51 -27.75 16.80
CA THR B 83 -1.03 -27.18 15.55
C THR B 83 -0.42 -25.81 15.85
N GLY B 84 0.36 -25.28 14.91
CA GLY B 84 0.92 -23.95 15.08
C GLY B 84 -0.19 -22.92 15.25
N GLY B 85 -1.31 -23.14 14.57
CA GLY B 85 -2.45 -22.27 14.66
C GLY B 85 -3.02 -22.22 16.07
N GLN B 86 -3.15 -23.40 16.69
CA GLN B 86 -3.64 -23.49 18.05
C GLN B 86 -2.64 -22.87 19.03
N ILE B 87 -1.35 -23.07 18.75
CA ILE B 87 -0.29 -22.49 19.58
C ILE B 87 -0.32 -20.96 19.48
N PHE B 88 -0.49 -20.45 18.27
CA PHE B 88 -0.61 -19.01 18.03
C PHE B 88 -1.77 -18.46 18.86
N ASN B 89 -2.91 -19.12 18.74
CA ASN B 89 -4.11 -18.77 19.48
C ASN B 89 -3.83 -18.69 20.97
N GLU B 90 -3.19 -19.74 21.49
CA GLU B 90 -2.84 -19.79 22.91
C GLU B 90 -1.85 -18.69 23.30
N MET B 91 -0.91 -18.39 22.40
CA MET B 91 0.11 -17.38 22.67
C MET B 91 -0.46 -15.96 22.69
N MET B 92 -1.49 -15.71 21.89
CA MET B 92 -2.19 -14.44 21.92
C MET B 92 -2.76 -14.17 23.31
N SER B 93 -3.33 -15.22 23.92
CA SER B 93 -3.86 -15.13 25.27
C SER B 93 -2.77 -14.78 26.29
N ARG B 94 -1.61 -15.43 26.18
CA ARG B 94 -0.49 -15.16 27.07
C ARG B 94 0.01 -13.73 26.95
N GLN B 95 -0.21 -13.12 25.79
CA GLN B 95 0.19 -11.74 25.56
C GLN B 95 -0.94 -10.75 25.83
N ASN B 96 -2.03 -11.24 26.42
CA ASN B 96 -3.20 -10.42 26.73
C ASN B 96 -3.78 -9.70 25.51
N VAL B 97 -3.78 -10.40 24.37
CA VAL B 97 -4.42 -9.90 23.16
C VAL B 97 -5.90 -10.26 23.15
N ASP B 98 -6.77 -9.26 23.02
CA ASP B 98 -8.20 -9.52 22.93
C ASP B 98 -8.74 -9.11 21.56
N THR B 99 -7.88 -8.49 20.77
CA THR B 99 -8.29 -7.93 19.48
C THR B 99 -7.24 -8.18 18.41
N VAL B 100 -7.68 -8.73 17.28
CA VAL B 100 -6.80 -8.92 16.14
C VAL B 100 -7.43 -8.30 14.89
N PHE B 101 -6.65 -7.52 14.14
CA PHE B 101 -7.11 -6.94 12.89
C PHE B 101 -6.49 -7.68 11.73
N GLY B 102 -7.30 -8.20 10.83
CA GLY B 102 -6.73 -8.98 9.74
C GLY B 102 -7.64 -9.38 8.60
N TYR B 103 -7.05 -10.04 7.62
CA TYR B 103 -7.74 -10.41 6.40
C TYR B 103 -7.21 -11.77 5.93
N PRO B 104 -8.11 -12.71 5.65
CA PRO B 104 -7.74 -14.10 5.36
C PRO B 104 -7.06 -14.29 4.00
N GLY B 105 -6.37 -15.42 3.86
CA GLY B 105 -5.75 -15.82 2.62
C GLY B 105 -5.20 -17.23 2.81
N GLY B 106 -4.82 -17.89 1.70
CA GLY B 106 -4.37 -19.28 1.77
C GLY B 106 -3.22 -19.57 2.71
N ALA B 107 -2.16 -18.77 2.62
CA ALA B 107 -0.94 -19.02 3.37
C ALA B 107 -1.14 -18.88 4.88
N ILE B 108 -2.11 -18.05 5.28
CA ILE B 108 -2.33 -17.74 6.69
C ILE B 108 -3.54 -18.51 7.23
N LEU B 109 -4.13 -19.35 6.40
CA LEU B 109 -5.33 -20.12 6.76
C LEU B 109 -5.25 -20.96 8.06
N PRO B 110 -4.12 -21.67 8.29
CA PRO B 110 -4.04 -22.45 9.53
C PRO B 110 -4.13 -21.59 10.79
N VAL B 111 -3.67 -20.34 10.70
CA VAL B 111 -3.72 -19.43 11.84
C VAL B 111 -5.08 -18.75 11.91
N TYR B 112 -5.53 -18.26 10.75
CA TYR B 112 -6.80 -17.55 10.63
C TYR B 112 -7.96 -18.38 11.18
N ASP B 113 -8.03 -19.64 10.79
CA ASP B 113 -9.10 -20.53 11.24
C ASP B 113 -9.12 -20.71 12.75
N ALA B 114 -7.94 -20.90 13.35
CA ALA B 114 -7.82 -21.12 14.78
C ALA B 114 -8.16 -19.88 15.61
N ILE B 115 -8.16 -18.72 14.96
CA ILE B 115 -8.40 -17.45 15.63
C ILE B 115 -9.79 -16.88 15.36
N HIS B 116 -10.17 -16.84 14.08
CA HIS B 116 -11.40 -16.19 13.64
C HIS B 116 -12.66 -16.73 14.31
N ASN B 117 -12.64 -18.00 14.70
CA ASN B 117 -13.78 -18.63 15.35
C ASN B 117 -13.79 -18.43 16.87
N SER B 118 -12.60 -18.40 17.46
CA SER B 118 -12.44 -18.29 18.91
C SER B 118 -13.11 -17.05 19.49
N ASP B 119 -13.62 -17.17 20.71
CA ASP B 119 -14.25 -16.04 21.39
C ASP B 119 -13.32 -15.47 22.46
N LYS B 120 -12.03 -15.78 22.33
CA LYS B 120 -11.02 -15.14 23.16
C LYS B 120 -10.57 -13.85 22.50
N PHE B 121 -10.83 -13.72 21.20
CA PHE B 121 -10.37 -12.56 20.45
C PHE B 121 -11.47 -11.99 19.57
N ASN B 122 -11.62 -10.67 19.61
CA ASN B 122 -12.43 -9.96 18.64
C ASN B 122 -11.60 -9.82 17.37
N PHE B 123 -12.04 -10.46 16.29
CA PHE B 123 -11.36 -10.35 15.01
C PHE B 123 -12.03 -9.30 14.13
N VAL B 124 -11.32 -8.21 13.84
CA VAL B 124 -11.89 -7.12 13.06
C VAL B 124 -11.43 -7.19 11.60
N LEU B 125 -12.39 -7.22 10.69
CA LEU B 125 -12.11 -7.35 9.26
C LEU B 125 -12.24 -6.02 8.51
N PRO B 126 -11.18 -5.64 7.77
CA PRO B 126 -11.23 -4.49 6.87
C PRO B 126 -11.59 -4.98 5.47
N LYS B 127 -11.64 -4.07 4.50
CA LYS B 127 -11.81 -4.47 3.11
C LYS B 127 -10.46 -4.56 2.40
N HIS B 128 -9.46 -3.94 3.02
CA HIS B 128 -8.11 -3.85 2.47
C HIS B 128 -7.13 -3.99 3.64
N GLU B 129 -6.03 -4.72 3.45
CA GLU B 129 -5.08 -4.97 4.54
C GLU B 129 -4.47 -3.71 5.14
N GLN B 130 -4.30 -2.67 4.31
CA GLN B 130 -3.82 -1.38 4.81
C GLN B 130 -4.78 -0.88 5.89
N GLY B 131 -6.06 -1.11 5.67
CA GLY B 131 -7.07 -0.77 6.66
C GLY B 131 -6.79 -1.45 7.99
N ALA B 132 -6.50 -2.74 7.94
CA ALA B 132 -6.18 -3.50 9.16
C ALA B 132 -4.98 -2.89 9.87
N GLY B 133 -3.97 -2.50 9.10
CA GLY B 133 -2.78 -1.88 9.65
C GLY B 133 -3.08 -0.58 10.40
N HIS B 134 -3.75 0.36 9.74
CA HIS B 134 -4.06 1.63 10.40
C HIS B 134 -5.05 1.45 11.55
N MET B 135 -5.95 0.47 11.42
CA MET B 135 -6.83 0.12 12.53
C MET B 135 -6.01 -0.29 13.75
N ALA B 136 -4.99 -1.11 13.53
CA ALA B 136 -4.14 -1.57 14.62
C ALA B 136 -3.42 -0.40 15.27
N GLU B 137 -3.01 0.56 14.45
CA GLU B 137 -2.35 1.77 14.94
C GLU B 137 -3.27 2.59 15.83
N GLY B 138 -4.49 2.84 15.36
CA GLY B 138 -5.48 3.57 16.15
C GLY B 138 -5.80 2.83 17.44
N TYR B 139 -5.90 1.50 17.34
CA TYR B 139 -6.15 0.68 18.53
C TYR B 139 -5.03 0.86 19.53
N ALA B 140 -3.79 0.78 19.03
CA ALA B 140 -2.62 0.85 19.90
C ALA B 140 -2.50 2.19 20.62
N ARG B 141 -2.70 3.28 19.88
CA ARG B 141 -2.56 4.61 20.45
C ARG B 141 -3.68 4.97 21.42
N ALA B 142 -4.84 4.36 21.23
CA ALA B 142 -5.97 4.59 22.12
C ALA B 142 -5.91 3.72 23.37
N SER B 143 -5.32 2.53 23.24
CA SER B 143 -5.33 1.56 24.33
C SER B 143 -4.02 1.51 25.12
N GLY B 144 -2.91 1.81 24.45
CA GLY B 144 -1.60 1.63 25.07
C GLY B 144 -1.14 0.19 24.95
N LYS B 145 -1.96 -0.64 24.31
CA LYS B 145 -1.64 -2.03 24.04
C LYS B 145 -1.11 -2.12 22.62
N PRO B 146 -0.36 -3.20 22.30
CA PRO B 146 0.11 -3.31 20.91
C PRO B 146 -1.02 -3.68 19.96
N GLY B 147 -0.99 -3.14 18.75
CA GLY B 147 -1.97 -3.51 17.73
C GLY B 147 -1.51 -4.77 17.01
N VAL B 148 -2.39 -5.74 16.87
CA VAL B 148 -2.02 -7.03 16.27
C VAL B 148 -2.63 -7.19 14.89
N VAL B 149 -1.78 -7.45 13.90
CA VAL B 149 -2.22 -7.57 12.51
C VAL B 149 -2.00 -8.99 12.00
N LEU B 150 -3.00 -9.55 11.35
CA LEU B 150 -2.89 -10.88 10.75
C LEU B 150 -3.28 -10.85 9.28
N VAL B 151 -2.30 -10.95 8.39
CA VAL B 151 -2.59 -10.95 6.96
C VAL B 151 -1.90 -12.11 6.25
N THR B 152 -2.26 -12.35 4.99
CA THR B 152 -1.72 -13.47 4.24
C THR B 152 -0.43 -13.11 3.51
N SER B 153 0.11 -14.06 2.76
CA SER B 153 1.36 -13.87 2.02
C SER B 153 1.18 -12.95 0.82
N GLY B 154 2.30 -12.60 0.18
CA GLY B 154 2.27 -11.81 -1.03
C GLY B 154 1.63 -10.45 -0.86
N PRO B 155 0.53 -10.20 -1.60
CA PRO B 155 -0.12 -8.88 -1.64
C PRO B 155 -0.68 -8.50 -0.28
N GLY B 156 -1.06 -9.49 0.53
CA GLY B 156 -1.54 -9.22 1.88
C GLY B 156 -0.46 -8.58 2.71
N ALA B 157 0.77 -9.07 2.56
CA ALA B 157 1.92 -8.54 3.29
C ALA B 157 2.36 -7.19 2.74
N THR B 158 2.41 -7.06 1.42
CA THR B 158 2.85 -5.80 0.83
C THR B 158 1.84 -4.67 1.09
N ASN B 159 0.58 -5.05 1.30
CA ASN B 159 -0.47 -4.07 1.59
C ASN B 159 -0.40 -3.45 2.99
N VAL B 160 0.46 -4.00 3.85
CA VAL B 160 0.61 -3.44 5.20
C VAL B 160 1.95 -2.74 5.40
N VAL B 161 2.71 -2.58 4.32
CA VAL B 161 3.99 -1.87 4.40
C VAL B 161 3.80 -0.41 4.83
N THR B 162 2.83 0.27 4.24
CA THR B 162 2.54 1.66 4.61
C THR B 162 2.21 1.84 6.11
N PRO B 163 1.28 1.04 6.67
CA PRO B 163 1.05 1.12 8.11
C PRO B 163 2.29 0.80 8.95
N MET B 164 3.11 -0.14 8.52
CA MET B 164 4.34 -0.46 9.25
C MET B 164 5.30 0.73 9.24
N ALA B 165 5.48 1.34 8.07
CA ALA B 165 6.32 2.52 7.96
C ALA B 165 5.73 3.67 8.80
N ASP B 166 4.41 3.78 8.82
CA ASP B 166 3.74 4.80 9.62
C ASP B 166 4.00 4.57 11.11
N ALA B 167 3.79 3.33 11.56
CA ALA B 167 4.03 2.98 12.96
C ALA B 167 5.50 3.13 13.35
N PHE B 168 6.40 2.86 12.41
CA PHE B 168 7.83 2.99 12.68
C PHE B 168 8.19 4.45 12.90
N ALA B 169 7.68 5.34 12.05
CA ALA B 169 7.96 6.76 12.20
C ALA B 169 7.41 7.36 13.49
N ASP B 170 6.21 6.92 13.89
CA ASP B 170 5.55 7.50 15.07
C ASP B 170 5.73 6.70 16.34
N GLY B 171 6.55 5.65 16.29
CA GLY B 171 6.85 4.85 17.47
C GLY B 171 5.65 4.16 18.07
N ILE B 172 4.92 3.42 17.23
CA ILE B 172 3.68 2.78 17.65
C ILE B 172 3.84 1.26 17.72
N PRO B 173 3.52 0.67 18.89
CA PRO B 173 3.64 -0.78 19.08
C PRO B 173 2.67 -1.52 18.17
N MET B 174 3.20 -2.35 17.28
CA MET B 174 2.38 -3.11 16.35
C MET B 174 3.07 -4.43 16.01
N VAL B 175 2.35 -5.54 16.18
CA VAL B 175 2.91 -6.84 15.82
C VAL B 175 2.21 -7.35 14.58
N VAL B 176 2.97 -7.50 13.49
CA VAL B 176 2.41 -7.92 12.21
C VAL B 176 2.72 -9.39 11.94
N PHE B 177 1.68 -10.19 11.77
CA PHE B 177 1.87 -11.58 11.40
C PHE B 177 1.46 -11.77 9.94
N THR B 178 2.40 -12.22 9.12
CA THR B 178 2.15 -12.46 7.71
C THR B 178 2.25 -13.94 7.38
N GLY B 179 1.23 -14.47 6.72
CA GLY B 179 1.31 -15.80 6.16
C GLY B 179 2.43 -15.84 5.13
N GLN B 180 2.95 -17.03 4.88
CA GLN B 180 4.04 -17.19 3.91
C GLN B 180 3.89 -18.55 3.25
N VAL B 181 4.42 -18.68 2.04
CA VAL B 181 4.47 -19.97 1.35
C VAL B 181 5.29 -20.95 2.19
N PRO B 182 5.06 -22.26 2.00
CA PRO B 182 5.81 -23.27 2.77
C PRO B 182 7.32 -23.07 2.69
N THR B 183 8.05 -23.50 3.73
CA THR B 183 9.50 -23.33 3.78
C THR B 183 10.20 -23.96 2.58
N SER B 184 9.62 -25.04 2.06
CA SER B 184 10.18 -25.74 0.92
C SER B 184 9.98 -24.98 -0.39
N ALA B 185 9.15 -23.94 -0.34
CA ALA B 185 8.82 -23.16 -1.54
C ALA B 185 9.57 -21.82 -1.62
N ILE B 186 10.19 -21.41 -0.51
CA ILE B 186 10.91 -20.13 -0.45
C ILE B 186 12.01 -20.06 -1.51
N GLY B 187 11.99 -19.00 -2.31
CA GLY B 187 13.00 -18.78 -3.33
C GLY B 187 12.73 -19.47 -4.66
N THR B 188 11.50 -19.96 -4.83
CA THR B 188 11.12 -20.61 -6.08
C THR B 188 10.14 -19.75 -6.88
N ASP B 189 9.99 -18.49 -6.47
CA ASP B 189 9.01 -17.58 -7.06
C ASP B 189 7.62 -18.20 -7.07
N ALA B 190 7.22 -18.74 -5.92
CA ALA B 190 5.93 -19.41 -5.80
C ALA B 190 4.79 -18.40 -5.88
N PHE B 191 3.56 -18.90 -6.00
CA PHE B 191 2.37 -18.06 -6.01
C PHE B 191 2.28 -17.28 -4.71
N GLN B 192 2.11 -15.97 -4.82
CA GLN B 192 2.00 -15.07 -3.66
C GLN B 192 3.20 -15.14 -2.74
N GLU B 193 4.39 -15.34 -3.30
CA GLU B 193 5.61 -15.29 -2.51
C GLU B 193 6.24 -13.92 -2.62
N ALA B 194 6.52 -13.31 -1.47
CA ALA B 194 7.25 -12.04 -1.41
C ALA B 194 8.33 -12.13 -0.34
N ASP B 195 9.46 -11.46 -0.59
CA ASP B 195 10.51 -11.37 0.41
C ASP B 195 10.10 -10.31 1.44
N VAL B 196 9.13 -10.67 2.28
CA VAL B 196 8.51 -9.75 3.23
C VAL B 196 9.51 -9.28 4.29
N VAL B 197 10.36 -10.20 4.75
CA VAL B 197 11.40 -9.88 5.72
C VAL B 197 12.38 -8.85 5.16
N GLY B 198 12.70 -8.97 3.87
CA GLY B 198 13.55 -8.01 3.21
C GLY B 198 12.84 -6.66 3.04
N ILE B 199 11.61 -6.71 2.54
CA ILE B 199 10.82 -5.51 2.31
C ILE B 199 10.60 -4.70 3.60
N SER B 200 10.21 -5.38 4.67
CA SER B 200 9.85 -4.70 5.93
C SER B 200 11.05 -4.38 6.83
N ARG B 201 12.25 -4.73 6.38
CA ARG B 201 13.45 -4.55 7.20
C ARG B 201 13.65 -3.12 7.68
N SER B 202 13.57 -2.15 6.76
CA SER B 202 13.81 -0.75 7.11
C SER B 202 12.63 -0.09 7.84
N CYS B 203 11.47 -0.74 7.84
CA CYS B 203 10.31 -0.17 8.51
C CYS B 203 9.77 -1.02 9.67
N THR B 204 10.64 -1.87 10.23
CA THR B 204 10.33 -2.57 11.47
C THR B 204 11.52 -2.44 12.43
N LYS B 205 11.25 -2.54 13.73
CA LYS B 205 12.32 -2.58 14.72
C LYS B 205 13.08 -3.90 14.59
N TRP B 206 12.34 -4.93 14.17
CA TRP B 206 12.86 -6.29 14.11
C TRP B 206 11.87 -7.16 13.34
N ASN B 207 12.39 -8.13 12.60
CA ASN B 207 11.53 -9.13 11.97
C ASN B 207 12.19 -10.50 11.93
N VAL B 208 11.43 -11.51 11.56
CA VAL B 208 11.93 -12.88 11.54
C VAL B 208 10.97 -13.75 10.74
N MET B 209 11.50 -14.80 10.12
CA MET B 209 10.64 -15.83 9.54
C MET B 209 10.75 -17.06 10.42
N VAL B 210 9.61 -17.53 10.92
CA VAL B 210 9.60 -18.74 11.75
C VAL B 210 9.84 -19.96 10.87
N LYS B 211 10.77 -20.82 11.28
CA LYS B 211 11.18 -21.94 10.43
C LYS B 211 10.72 -23.31 10.94
N SER B 212 10.15 -23.35 12.14
CA SER B 212 9.57 -24.58 12.68
C SER B 212 8.54 -24.25 13.74
N VAL B 213 7.61 -25.18 13.98
CA VAL B 213 6.55 -24.96 14.98
C VAL B 213 7.13 -24.80 16.38
N GLU B 214 8.26 -25.46 16.65
CA GLU B 214 8.95 -25.36 17.94
C GLU B 214 9.37 -23.92 18.22
N GLU B 215 9.66 -23.18 17.16
CA GLU B 215 10.22 -21.85 17.24
C GLU B 215 9.12 -20.79 17.42
N LEU B 216 7.88 -21.20 17.17
CA LEU B 216 6.75 -20.27 17.11
C LEU B 216 6.50 -19.43 18.38
N PRO B 217 6.40 -20.08 19.56
CA PRO B 217 6.19 -19.25 20.77
C PRO B 217 7.35 -18.29 21.01
N LEU B 218 8.59 -18.74 20.78
CA LEU B 218 9.77 -17.90 20.97
C LEU B 218 9.69 -16.59 20.18
N ARG B 219 9.34 -16.69 18.90
CA ARG B 219 9.32 -15.51 18.03
C ARG B 219 8.16 -14.58 18.39
N ILE B 220 7.04 -15.17 18.78
CA ILE B 220 5.88 -14.39 19.22
C ILE B 220 6.23 -13.55 20.45
N ASN B 221 6.83 -14.20 21.44
CA ASN B 221 7.25 -13.50 22.66
C ASN B 221 8.27 -12.40 22.40
N GLU B 222 9.23 -12.68 21.52
CA GLU B 222 10.26 -11.69 21.17
C GLU B 222 9.61 -10.50 20.47
N ALA B 223 8.68 -10.79 19.56
CA ALA B 223 7.95 -9.77 18.83
C ALA B 223 7.24 -8.78 19.75
N PHE B 224 6.45 -9.31 20.68
CA PHE B 224 5.70 -8.46 21.61
C PHE B 224 6.60 -7.65 22.54
N GLU B 225 7.70 -8.25 23.00
CA GLU B 225 8.62 -7.54 23.87
C GLU B 225 9.34 -6.41 23.15
N ILE B 226 9.83 -6.68 21.95
CA ILE B 226 10.55 -5.68 21.16
C ILE B 226 9.62 -4.54 20.73
N ALA B 227 8.41 -4.89 20.34
CA ALA B 227 7.43 -3.88 19.90
C ALA B 227 7.10 -2.90 21.02
N THR B 228 7.14 -3.37 22.26
CA THR B 228 6.71 -2.57 23.40
C THR B 228 7.86 -2.05 24.27
N SER B 229 9.10 -2.34 23.87
CA SER B 229 10.27 -1.89 24.63
C SER B 229 10.95 -0.69 23.98
N GLY B 230 11.83 -0.03 24.74
CA GLY B 230 12.53 1.16 24.27
C GLY B 230 11.57 2.17 23.67
N ARG B 231 11.87 2.64 22.47
CA ARG B 231 10.86 3.35 21.70
C ARG B 231 10.01 2.31 21.00
N PRO B 232 8.71 2.26 21.33
CA PRO B 232 7.83 1.25 20.74
C PRO B 232 7.81 1.33 19.22
N GLY B 233 7.43 0.24 18.56
CA GLY B 233 7.41 0.21 17.11
C GLY B 233 6.86 -1.08 16.54
N PRO B 234 6.74 -1.15 15.21
CA PRO B 234 6.22 -2.32 14.53
C PRO B 234 7.26 -3.44 14.43
N VAL B 235 6.82 -4.68 14.57
CA VAL B 235 7.65 -5.83 14.28
C VAL B 235 6.88 -6.73 13.33
N LEU B 236 7.59 -7.54 12.56
CA LEU B 236 6.95 -8.46 11.63
C LEU B 236 7.38 -9.89 11.89
N VAL B 237 6.41 -10.80 11.96
CA VAL B 237 6.71 -12.23 12.09
C VAL B 237 6.13 -13.00 10.92
N ASP B 238 7.01 -13.58 10.10
CA ASP B 238 6.61 -14.28 8.88
C ASP B 238 6.30 -15.74 9.20
N LEU B 239 5.15 -16.24 8.73
CA LEU B 239 4.66 -17.55 9.14
C LEU B 239 4.38 -18.51 7.97
N PRO B 240 5.39 -19.31 7.59
CA PRO B 240 5.22 -20.31 6.52
C PRO B 240 4.04 -21.25 6.82
N LYS B 241 3.24 -21.54 5.80
CA LYS B 241 2.02 -22.33 5.95
C LYS B 241 2.28 -23.71 6.56
N ASP B 242 3.39 -24.33 6.19
CA ASP B 242 3.73 -25.66 6.72
C ASP B 242 4.09 -25.60 8.21
N VAL B 243 4.61 -24.47 8.66
CA VAL B 243 4.95 -24.29 10.08
C VAL B 243 3.69 -24.16 10.94
N THR B 244 2.74 -23.34 10.49
CA THR B 244 1.52 -23.10 11.25
C THR B 244 0.53 -24.24 11.15
N ALA B 245 0.64 -25.05 10.09
CA ALA B 245 -0.20 -26.22 9.92
C ALA B 245 0.37 -27.44 10.63
N ALA B 246 1.64 -27.36 11.01
CA ALA B 246 2.33 -28.50 11.63
C ALA B 246 1.93 -28.70 13.09
N ILE B 247 2.02 -29.94 13.54
CA ILE B 247 1.74 -30.29 14.92
C ILE B 247 3.05 -30.40 15.72
N LEU B 248 3.10 -29.76 16.88
CA LEU B 248 4.27 -29.83 17.75
C LEU B 248 4.39 -31.20 18.39
N ARG B 249 5.48 -31.89 18.12
CA ARG B 249 5.68 -33.25 18.61
C ARG B 249 6.64 -33.30 19.81
N ASN B 250 7.45 -32.25 19.94
CA ASN B 250 8.50 -32.25 20.95
C ASN B 250 8.34 -31.13 21.97
N PRO B 251 8.76 -31.38 23.22
CA PRO B 251 8.78 -30.33 24.25
C PRO B 251 9.74 -29.23 23.86
N ILE B 252 9.51 -28.02 24.35
CA ILE B 252 10.40 -26.89 24.07
C ILE B 252 10.77 -26.23 25.39
N PRO B 253 11.92 -25.55 25.45
CA PRO B 253 12.35 -24.88 26.68
C PRO B 253 11.30 -23.89 27.20
N THR B 254 11.03 -23.96 28.51
CA THR B 254 10.06 -23.08 29.15
C THR B 254 10.42 -21.60 28.93
N LYS B 255 11.71 -21.31 28.88
CA LYS B 255 12.21 -19.97 28.63
C LYS B 255 11.63 -19.37 27.34
N THR B 256 11.32 -20.22 26.38
CA THR B 256 10.84 -19.78 25.07
C THR B 256 9.31 -19.59 25.01
N THR B 257 8.60 -20.09 26.02
CA THR B 257 7.14 -20.03 26.02
C THR B 257 6.57 -18.96 26.97
N LEU B 258 7.41 -18.47 27.88
CA LEU B 258 6.98 -17.45 28.83
C LEU B 258 7.40 -16.04 28.38
N PRO B 259 6.45 -15.09 28.38
CA PRO B 259 6.72 -13.68 28.07
C PRO B 259 7.55 -13.02 29.17
N SER B 260 8.30 -11.98 28.82
CA SER B 260 9.06 -11.23 29.82
C SER B 260 8.28 -10.02 30.32
N GLN B 265 11.77 -5.54 37.18
CA GLN B 265 13.05 -6.09 36.73
C GLN B 265 14.21 -5.56 37.58
N LEU B 266 15.18 -6.42 37.85
CA LEU B 266 16.31 -6.07 38.68
C LEU B 266 17.35 -5.23 37.93
N THR B 267 17.95 -4.28 38.63
CA THR B 267 18.98 -3.43 38.05
C THR B 267 20.25 -3.50 38.90
N SER B 268 21.40 -3.25 38.29
CA SER B 268 22.67 -3.28 39.01
C SER B 268 22.93 -1.93 39.69
N ARG B 269 23.71 -1.94 40.77
CA ARG B 269 24.04 -0.72 41.48
C ARG B 269 24.88 0.22 40.61
N ALA B 270 25.50 -0.33 39.57
CA ALA B 270 26.23 0.47 38.60
C ALA B 270 25.25 1.23 37.70
N GLN B 271 24.21 0.54 37.25
CA GLN B 271 23.16 1.14 36.44
C GLN B 271 22.40 2.21 37.22
N ASP B 272 22.00 1.86 38.43
CA ASP B 272 21.21 2.76 39.29
C ASP B 272 21.91 4.08 39.56
N GLU B 273 23.20 4.03 39.90
CA GLU B 273 23.97 5.23 40.16
C GLU B 273 24.16 6.08 38.91
N PHE B 274 24.43 5.41 37.78
CA PHE B 274 24.59 6.11 36.51
C PHE B 274 23.33 6.89 36.15
N VAL B 275 22.18 6.31 36.48
CA VAL B 275 20.89 6.96 36.25
C VAL B 275 20.66 8.08 37.26
N MET B 276 20.71 7.75 38.55
CA MET B 276 20.40 8.70 39.61
C MET B 276 21.34 9.91 39.60
N GLN B 277 22.55 9.73 39.07
CA GLN B 277 23.51 10.82 38.93
C GLN B 277 22.99 11.90 37.99
N SER B 278 22.70 11.49 36.75
CA SER B 278 22.15 12.40 35.75
C SER B 278 20.81 12.99 36.19
N ILE B 279 20.09 12.23 37.02
CA ILE B 279 18.80 12.68 37.55
C ILE B 279 18.94 13.89 38.48
N ASN B 280 19.73 13.75 39.54
CA ASN B 280 19.96 14.87 40.46
C ASN B 280 20.80 15.99 39.84
N LYS B 281 21.65 15.63 38.88
CA LYS B 281 22.42 16.63 38.14
C LYS B 281 21.48 17.57 37.40
N ALA B 282 20.32 17.06 37.01
CA ALA B 282 19.30 17.86 36.34
C ALA B 282 18.27 18.38 37.34
N ALA B 283 18.11 17.67 38.45
CA ALA B 283 17.16 18.07 39.49
C ALA B 283 17.51 19.43 40.10
N ASP B 284 18.79 19.64 40.37
CA ASP B 284 19.24 20.93 40.89
C ASP B 284 19.20 22.02 39.82
N LEU B 285 19.38 21.62 38.57
CA LEU B 285 19.36 22.56 37.45
C LEU B 285 17.97 23.17 37.26
N ILE B 286 16.93 22.41 37.60
CA ILE B 286 15.58 22.95 37.60
C ILE B 286 15.24 23.52 38.97
N ASN B 287 16.04 23.19 39.98
CA ASN B 287 15.88 23.81 41.28
C ASN B 287 16.48 25.21 41.24
N LEU B 288 17.37 25.42 40.27
CA LEU B 288 17.78 26.75 39.88
C LEU B 288 16.53 27.51 39.45
N ALA B 289 15.96 27.08 38.32
CA ALA B 289 14.67 27.57 37.83
C ALA B 289 14.59 29.08 37.64
N LYS B 290 15.16 29.57 36.54
CA LYS B 290 15.02 30.99 36.21
C LYS B 290 13.95 31.17 35.14
N LYS B 291 14.23 30.71 33.92
CA LYS B 291 13.22 30.73 32.85
C LYS B 291 12.98 29.33 32.29
N PRO B 292 12.20 28.53 33.02
CA PRO B 292 11.99 27.10 32.71
C PRO B 292 10.79 26.83 31.80
N VAL B 293 10.94 25.86 30.91
CA VAL B 293 9.84 25.46 30.02
C VAL B 293 9.86 23.95 29.80
N LEU B 294 8.70 23.31 29.92
CA LEU B 294 8.57 21.88 29.65
C LEU B 294 8.23 21.62 28.18
N TYR B 295 9.16 20.99 27.47
CA TYR B 295 8.97 20.63 26.08
C TYR B 295 8.60 19.15 26.00
N VAL B 296 7.30 18.88 25.92
CA VAL B 296 6.76 17.52 26.08
C VAL B 296 6.32 16.91 24.76
N GLY B 297 6.69 15.65 24.54
CA GLY B 297 6.32 14.93 23.33
C GLY B 297 5.62 13.61 23.58
N ALA B 298 5.59 12.76 22.56
CA ALA B 298 4.86 11.49 22.62
C ALA B 298 5.36 10.50 23.68
N GLY B 299 6.63 10.63 24.07
CA GLY B 299 7.23 9.72 25.03
C GLY B 299 6.53 9.67 26.38
N ILE B 300 5.94 10.80 26.79
CA ILE B 300 5.25 10.89 28.08
C ILE B 300 3.95 10.07 28.07
N LEU B 301 3.47 9.74 26.88
CA LEU B 301 2.23 8.97 26.75
C LEU B 301 2.48 7.47 26.73
N ASN B 302 3.75 7.08 26.64
CA ASN B 302 4.11 5.67 26.60
C ASN B 302 4.20 5.02 27.98
N HIS B 303 3.69 5.73 28.98
CA HIS B 303 3.54 5.19 30.32
C HIS B 303 2.26 5.76 30.90
N ALA B 304 1.49 4.92 31.60
CA ALA B 304 0.20 5.31 32.13
C ALA B 304 0.27 6.50 33.09
N ASP B 305 1.35 6.57 33.86
CA ASP B 305 1.52 7.62 34.85
C ASP B 305 2.30 8.83 34.30
N GLY B 306 2.45 8.88 32.98
CA GLY B 306 3.14 9.98 32.32
C GLY B 306 2.56 11.35 32.58
N PRO B 307 1.34 11.61 32.08
CA PRO B 307 0.67 12.92 32.24
C PRO B 307 0.53 13.37 33.69
N ARG B 308 0.19 12.47 34.60
CA ARG B 308 0.00 12.84 36.00
C ARG B 308 1.29 13.33 36.63
N LEU B 309 2.38 12.60 36.39
CA LEU B 309 3.70 12.98 36.91
C LEU B 309 4.24 14.20 36.17
N LEU B 310 3.68 14.50 35.01
CA LEU B 310 3.99 15.73 34.29
C LEU B 310 3.21 16.89 34.91
N LYS B 311 1.96 16.59 35.27
CA LYS B 311 1.06 17.58 35.87
C LYS B 311 1.61 18.11 37.19
N GLU B 312 1.95 17.19 38.10
CA GLU B 312 2.39 17.60 39.44
C GLU B 312 3.82 18.15 39.44
N LEU B 313 4.61 17.80 38.43
CA LEU B 313 5.92 18.42 38.24
C LEU B 313 5.72 19.87 37.81
N SER B 314 4.76 20.08 36.92
CA SER B 314 4.41 21.43 36.49
C SER B 314 3.92 22.27 37.67
N ASP B 315 3.15 21.67 38.57
CA ASP B 315 2.68 22.36 39.77
C ASP B 315 3.84 22.71 40.68
N ARG B 316 4.44 21.67 41.26
CA ARG B 316 5.55 21.77 42.21
C ARG B 316 6.49 22.95 41.98
N ALA B 317 7.04 23.06 40.77
CA ALA B 317 7.99 24.11 40.46
C ALA B 317 7.38 25.22 39.60
N GLN B 318 6.06 25.21 39.46
CA GLN B 318 5.34 26.18 38.62
C GLN B 318 5.95 26.27 37.21
N ILE B 319 5.92 25.14 36.50
CA ILE B 319 6.54 25.04 35.19
C ILE B 319 5.49 25.07 34.08
N PRO B 320 5.67 25.98 33.11
CA PRO B 320 4.78 26.05 31.95
C PRO B 320 5.05 24.88 31.01
N VAL B 321 4.03 24.42 30.29
CA VAL B 321 4.17 23.24 29.45
C VAL B 321 3.68 23.49 28.02
N THR B 322 4.57 23.26 27.05
CA THR B 322 4.17 23.20 25.65
C THR B 322 4.35 21.76 25.16
N THR B 323 3.56 21.36 24.18
CA THR B 323 3.65 20.00 23.65
C THR B 323 3.91 19.98 22.16
N THR B 324 4.47 18.86 21.68
CA THR B 324 4.55 18.60 20.26
C THR B 324 3.16 18.23 19.74
N LEU B 325 3.05 18.07 18.42
CA LEU B 325 1.82 17.59 17.81
C LEU B 325 1.41 16.26 18.43
N GLN B 326 2.39 15.38 18.61
CA GLN B 326 2.13 14.04 19.15
C GLN B 326 2.07 14.04 20.67
N GLY B 327 2.32 15.19 21.28
CA GLY B 327 2.24 15.32 22.72
C GLY B 327 0.91 15.95 23.16
N LEU B 328 0.08 16.28 22.20
CA LEU B 328 -1.23 16.88 22.50
C LEU B 328 -2.11 15.90 23.28
N GLY B 329 -2.70 16.40 24.36
CA GLY B 329 -3.51 15.57 25.25
C GLY B 329 -2.77 15.20 26.53
N SER B 330 -1.44 15.23 26.48
CA SER B 330 -0.65 14.90 27.66
C SER B 330 -0.78 15.94 28.76
N PHE B 331 -1.21 17.14 28.39
CA PHE B 331 -1.38 18.22 29.36
C PHE B 331 -2.66 18.99 29.07
N ASP B 332 -3.40 19.31 30.13
CA ASP B 332 -4.66 20.05 29.98
C ASP B 332 -4.38 21.46 29.46
N GLN B 333 -5.08 21.83 28.40
CA GLN B 333 -4.90 23.14 27.79
C GLN B 333 -5.79 24.19 28.44
N GLU B 334 -6.67 23.75 29.33
CA GLU B 334 -7.47 24.67 30.14
C GLU B 334 -6.60 25.27 31.23
N ASP B 335 -5.61 24.49 31.67
CA ASP B 335 -4.68 24.90 32.69
C ASP B 335 -3.96 26.18 32.27
N PRO B 336 -3.81 27.14 33.20
CA PRO B 336 -3.13 28.41 32.93
C PRO B 336 -1.66 28.21 32.54
N LYS B 337 -1.04 27.14 33.01
CA LYS B 337 0.37 26.87 32.70
C LYS B 337 0.58 26.26 31.31
N SER B 338 -0.51 26.02 30.58
CA SER B 338 -0.42 25.45 29.24
C SER B 338 0.00 26.48 28.20
N LEU B 339 0.89 26.08 27.30
CA LEU B 339 1.36 26.94 26.21
C LEU B 339 0.88 26.42 24.87
N ASP B 340 0.15 25.31 24.91
CA ASP B 340 -0.34 24.62 23.71
C ASP B 340 0.79 24.17 22.81
N MET B 341 0.49 23.91 21.53
CA MET B 341 1.46 23.34 20.60
C MET B 341 2.54 24.34 20.20
N LEU B 342 3.73 23.84 19.91
CA LEU B 342 4.83 24.66 19.41
C LEU B 342 5.27 24.16 18.03
N GLY B 343 6.09 24.96 17.35
CA GLY B 343 6.57 24.59 16.02
C GLY B 343 6.11 25.56 14.94
N MET B 344 6.30 25.18 13.68
CA MET B 344 5.96 26.05 12.56
C MET B 344 4.46 26.10 12.29
N HIS B 345 3.67 25.52 13.21
CA HIS B 345 2.22 25.58 13.13
C HIS B 345 1.62 25.72 14.52
N GLY B 346 2.47 26.06 15.49
CA GLY B 346 2.04 26.16 16.88
C GLY B 346 1.59 27.55 17.31
N CYS B 347 1.22 27.67 18.58
CA CYS B 347 0.77 28.95 19.13
C CYS B 347 1.99 29.83 19.38
N ALA B 348 1.91 31.10 18.98
CA ALA B 348 3.05 32.02 19.06
C ALA B 348 3.65 32.11 20.46
N THR B 349 2.79 32.09 21.48
CA THR B 349 3.22 32.16 22.88
C THR B 349 4.18 31.02 23.26
N ALA B 350 4.21 29.97 22.44
CA ALA B 350 5.05 28.80 22.70
C ALA B 350 6.46 28.93 22.11
N ASN B 351 6.57 28.93 20.78
CA ASN B 351 7.87 28.98 20.11
C ASN B 351 8.73 30.15 20.56
N LEU B 352 8.07 31.22 21.00
CA LEU B 352 8.75 32.40 21.50
C LEU B 352 9.18 32.22 22.95
N ALA B 353 8.40 31.47 23.72
CA ALA B 353 8.74 31.15 25.11
C ALA B 353 9.79 30.04 25.17
N VAL B 354 10.21 29.56 24.00
CA VAL B 354 11.31 28.62 23.89
C VAL B 354 12.54 29.42 23.44
N GLN B 355 12.34 30.73 23.29
CA GLN B 355 13.46 31.66 23.10
C GLN B 355 13.73 32.31 24.45
N ASN B 356 12.69 32.86 25.06
CA ASN B 356 12.80 33.52 26.37
C ASN B 356 13.14 32.57 27.52
N ALA B 357 13.17 31.27 27.24
CA ALA B 357 13.53 30.27 28.25
C ALA B 357 15.04 30.01 28.25
N ASP B 358 15.56 29.69 29.43
CA ASP B 358 16.97 29.32 29.57
C ASP B 358 17.11 27.81 29.74
N LEU B 359 16.15 27.23 30.45
CA LEU B 359 16.14 25.79 30.69
C LEU B 359 15.02 25.11 29.92
N ILE B 360 15.38 24.49 28.80
CA ILE B 360 14.42 23.71 28.01
C ILE B 360 14.44 22.26 28.48
N ILE B 361 13.40 21.86 29.19
CA ILE B 361 13.29 20.50 29.71
C ILE B 361 12.55 19.61 28.72
N ALA B 362 13.31 18.92 27.86
CA ALA B 362 12.74 18.07 26.83
C ALA B 362 12.29 16.72 27.38
N VAL B 363 10.99 16.46 27.34
CA VAL B 363 10.44 15.20 27.83
C VAL B 363 9.77 14.40 26.72
N GLY B 364 10.43 13.31 26.29
CA GLY B 364 9.88 12.44 25.27
C GLY B 364 9.62 13.09 23.93
N ALA B 365 10.52 13.96 23.50
CA ALA B 365 10.41 14.63 22.20
C ALA B 365 11.72 14.52 21.44
N ARG B 366 11.66 14.54 20.11
CA ARG B 366 12.86 14.28 19.32
C ARG B 366 13.41 15.48 18.53
N PHE B 367 12.96 16.69 18.88
CA PHE B 367 13.42 17.91 18.23
C PHE B 367 13.34 17.82 16.70
N ASP B 368 12.12 17.97 16.18
CA ASP B 368 11.85 17.68 14.77
C ASP B 368 12.03 18.91 13.87
N ASP B 369 12.25 18.65 12.58
CA ASP B 369 12.55 19.68 11.58
C ASP B 369 11.49 20.78 11.45
N ARG B 370 10.29 20.53 11.97
CA ARG B 370 9.23 21.55 11.97
C ARG B 370 8.83 21.98 13.39
N VAL B 371 9.57 21.47 14.37
CA VAL B 371 9.52 21.98 15.74
C VAL B 371 10.75 22.87 15.88
N THR B 372 11.88 22.34 15.43
CA THR B 372 13.10 23.11 15.26
C THR B 372 12.97 23.87 13.95
N GLY B 373 13.57 25.04 13.87
CA GLY B 373 13.70 25.71 12.58
C GLY B 373 15.00 25.22 11.99
N ASN B 374 15.71 26.08 11.27
CA ASN B 374 17.12 25.83 11.05
C ASN B 374 17.77 25.90 12.42
N ILE B 375 18.49 24.85 12.79
CA ILE B 375 19.00 24.67 14.15
C ILE B 375 19.77 25.89 14.70
N SER B 376 20.36 26.68 13.81
CA SER B 376 21.13 27.85 14.18
C SER B 376 20.39 28.83 15.09
N LYS B 377 19.19 29.24 14.67
CA LYS B 377 18.36 30.15 15.47
C LYS B 377 17.95 29.50 16.79
N PHE B 378 16.73 28.96 16.83
CA PHE B 378 16.22 28.26 18.01
C PHE B 378 17.21 27.20 18.50
N ALA B 379 17.54 27.22 19.79
CA ALA B 379 17.10 28.25 20.72
C ALA B 379 18.33 29.01 21.20
N PRO B 380 18.45 30.29 20.81
CA PRO B 380 19.66 31.06 21.11
C PRO B 380 19.78 31.40 22.59
N GLU B 381 18.79 32.11 23.11
CA GLU B 381 18.80 32.56 24.49
C GLU B 381 18.84 31.41 25.50
N ALA B 382 18.26 30.27 25.12
CA ALA B 382 18.38 29.07 25.92
C ALA B 382 19.84 28.59 25.95
N ARG B 383 20.47 28.65 24.79
CA ARG B 383 21.87 28.25 24.64
C ARG B 383 22.81 29.20 25.42
N ARG B 384 22.32 30.41 25.69
CA ARG B 384 23.08 31.38 26.47
C ARG B 384 23.33 30.83 27.87
N ALA B 385 22.39 29.99 28.33
CA ALA B 385 22.55 29.27 29.58
C ALA B 385 23.68 28.25 29.49
N ALA B 386 23.84 27.68 28.29
CA ALA B 386 24.88 26.69 28.05
C ALA B 386 26.25 27.34 27.85
N ALA B 387 26.41 28.53 28.41
CA ALA B 387 27.68 29.24 28.40
C ALA B 387 27.65 30.25 29.55
N GLU B 388 27.03 29.84 30.64
CA GLU B 388 26.86 30.68 31.82
C GLU B 388 26.53 29.78 33.02
N GLY B 389 26.19 28.54 32.73
CA GLY B 389 25.75 27.62 33.77
C GLY B 389 24.40 28.06 34.30
N ARG B 390 23.67 28.79 33.47
CA ARG B 390 22.34 29.29 33.83
C ARG B 390 21.30 28.17 33.71
N GLY B 391 21.56 27.23 32.81
CA GLY B 391 20.65 26.13 32.55
C GLY B 391 20.98 25.43 31.26
N GLY B 392 20.01 25.39 30.34
CA GLY B 392 20.24 24.78 29.05
C GLY B 392 19.18 23.76 28.66
N ILE B 393 19.63 22.62 28.14
CA ILE B 393 18.69 21.60 27.68
C ILE B 393 18.84 20.27 28.42
N ILE B 394 17.81 19.91 29.17
CA ILE B 394 17.72 18.57 29.76
C ILE B 394 16.93 17.69 28.80
N HIS B 395 17.40 16.47 28.56
CA HIS B 395 16.74 15.61 27.59
C HIS B 395 16.41 14.23 28.17
N PHE B 396 15.16 14.07 28.59
CA PHE B 396 14.65 12.76 29.00
C PHE B 396 14.33 11.94 27.75
N GLU B 397 15.14 10.93 27.48
CA GLU B 397 15.03 10.13 26.27
C GLU B 397 15.25 8.66 26.56
N VAL B 398 14.50 7.79 25.89
CA VAL B 398 14.60 6.35 26.11
C VAL B 398 15.66 5.72 25.20
N SER B 399 15.93 6.34 24.06
CA SER B 399 16.93 5.84 23.13
C SER B 399 18.16 6.73 23.11
N PRO B 400 19.26 6.28 23.72
CA PRO B 400 20.53 7.00 23.79
C PRO B 400 21.02 7.41 22.40
N LYS B 401 20.65 6.60 21.41
CA LYS B 401 20.97 6.84 20.01
C LYS B 401 20.34 8.13 19.48
N ASN B 402 19.30 8.60 20.18
CA ASN B 402 18.59 9.81 19.78
C ASN B 402 18.99 11.05 20.58
N ILE B 403 20.00 10.89 21.45
CA ILE B 403 20.52 12.02 22.21
C ILE B 403 21.63 12.72 21.44
N ASN B 404 21.55 14.05 21.35
CA ASN B 404 22.55 14.85 20.66
C ASN B 404 22.75 14.44 19.19
N LYS B 405 21.68 13.90 18.59
CA LYS B 405 21.72 13.52 17.19
C LYS B 405 21.20 14.67 16.34
N VAL B 406 20.54 15.62 17.00
CA VAL B 406 19.99 16.80 16.36
C VAL B 406 20.43 18.06 17.11
N VAL B 407 20.22 18.07 18.42
CA VAL B 407 20.54 19.23 19.24
C VAL B 407 21.41 18.87 20.44
N GLN B 408 22.57 19.52 20.54
CA GLN B 408 23.50 19.28 21.64
C GLN B 408 22.88 19.64 22.98
N THR B 409 22.69 18.64 23.83
CA THR B 409 22.11 18.83 25.14
C THR B 409 23.20 19.09 26.18
N GLN B 410 22.79 19.50 27.38
CA GLN B 410 23.73 19.70 28.48
C GLN B 410 23.55 18.58 29.51
N ILE B 411 22.34 18.07 29.61
CA ILE B 411 22.04 16.94 30.48
C ILE B 411 21.15 15.93 29.77
N ALA B 412 21.50 14.65 29.88
CA ALA B 412 20.69 13.58 29.31
C ALA B 412 20.26 12.59 30.40
N VAL B 413 18.97 12.33 30.48
CA VAL B 413 18.44 11.35 31.43
C VAL B 413 17.87 10.17 30.67
N GLU B 414 18.70 9.14 30.47
CA GLU B 414 18.32 7.97 29.69
C GLU B 414 17.28 7.11 30.40
N GLY B 415 16.39 6.52 29.61
CA GLY B 415 15.37 5.63 30.15
C GLY B 415 13.96 6.14 29.91
N ASP B 416 12.98 5.44 30.48
CA ASP B 416 11.60 5.86 30.41
C ASP B 416 11.42 7.22 31.10
N ALA B 417 10.85 8.17 30.37
CA ALA B 417 10.69 9.54 30.86
C ALA B 417 9.88 9.60 32.15
N THR B 418 8.72 8.95 32.15
CA THR B 418 7.84 8.88 33.31
C THR B 418 8.55 8.38 34.56
N THR B 419 9.20 7.23 34.43
CA THR B 419 9.93 6.61 35.52
C THR B 419 10.98 7.55 36.12
N ASN B 420 11.77 8.19 35.25
CA ASN B 420 12.81 9.11 35.70
C ASN B 420 12.24 10.38 36.33
N LEU B 421 11.02 10.74 35.95
CA LEU B 421 10.35 11.89 36.56
C LEU B 421 9.97 11.61 38.00
N GLY B 422 9.50 10.39 38.27
CA GLY B 422 9.19 9.97 39.62
C GLY B 422 10.41 10.00 40.51
N LYS B 423 11.51 9.44 40.01
CA LYS B 423 12.78 9.40 40.73
C LYS B 423 13.33 10.81 41.00
N MET B 424 12.97 11.77 40.17
CA MET B 424 13.47 13.13 40.28
C MET B 424 12.53 14.02 41.09
N MET B 425 11.33 13.51 41.38
CA MET B 425 10.28 14.30 42.01
C MET B 425 10.66 14.92 43.35
N SER B 426 11.19 14.09 44.25
CA SER B 426 11.56 14.54 45.59
C SER B 426 12.62 15.64 45.56
N LYS B 427 13.58 15.50 44.65
CA LYS B 427 14.70 16.44 44.54
C LYS B 427 14.30 17.77 43.88
N ILE B 428 13.00 18.07 43.87
CA ILE B 428 12.50 19.29 43.27
C ILE B 428 11.99 20.24 44.34
N PHE B 429 12.45 21.48 44.32
CA PHE B 429 12.04 22.48 45.31
C PHE B 429 10.72 23.13 44.93
N PRO B 430 9.68 22.91 45.75
CA PRO B 430 8.34 23.44 45.54
C PRO B 430 8.33 24.97 45.41
N VAL B 431 8.46 25.46 44.19
CA VAL B 431 8.37 26.89 43.91
C VAL B 431 6.90 27.24 43.64
N LYS B 432 6.50 28.46 44.03
CA LYS B 432 5.11 28.88 43.88
C LYS B 432 4.97 30.17 43.08
N GLU B 433 6.08 30.71 42.60
CA GLU B 433 6.04 31.95 41.84
C GLU B 433 7.24 32.12 40.91
N ARG B 434 7.01 32.84 39.81
CA ARG B 434 8.05 33.18 38.86
C ARG B 434 7.49 34.31 38.01
N SER B 435 6.50 34.99 38.57
CA SER B 435 5.64 35.97 37.89
C SER B 435 6.27 36.84 36.80
N GLU B 436 7.57 37.05 36.87
CA GLU B 436 8.29 37.72 35.78
C GLU B 436 8.21 36.85 34.53
N TRP B 437 8.00 35.55 34.75
CA TRP B 437 7.82 34.58 33.68
C TRP B 437 6.37 34.59 33.20
N PHE B 438 5.43 34.45 34.14
CA PHE B 438 4.00 34.56 33.84
C PHE B 438 3.66 36.01 33.48
N ALA B 439 4.41 36.58 32.55
CA ALA B 439 4.28 37.99 32.21
C ALA B 439 4.67 38.19 30.76
N GLN B 440 5.96 37.99 30.46
CA GLN B 440 6.41 38.04 29.08
C GLN B 440 5.60 37.06 28.24
N ILE B 441 5.22 35.94 28.83
CA ILE B 441 4.41 34.94 28.16
C ILE B 441 2.91 35.06 28.44
N ASN B 442 2.54 35.34 29.69
CA ASN B 442 1.13 35.39 30.07
C ASN B 442 0.44 36.60 29.44
N LYS B 443 1.22 37.65 29.18
CA LYS B 443 0.75 38.70 28.29
C LYS B 443 0.75 38.08 26.89
N TRP B 444 1.87 38.18 26.18
CA TRP B 444 2.12 37.53 24.86
C TRP B 444 0.96 36.90 24.05
N LYS B 445 -0.29 37.23 24.40
CA LYS B 445 -1.48 36.63 23.79
C LYS B 445 -2.82 37.11 24.38
N LYS B 446 -3.19 38.40 24.36
CA LYS B 446 -2.44 39.58 23.87
C LYS B 446 -1.97 39.50 22.42
N GLU B 447 -0.74 39.95 22.15
CA GLU B 447 -0.21 39.88 20.79
C GLU B 447 -0.12 38.43 20.34
N TYR B 448 -0.62 38.14 19.14
CA TYR B 448 -0.71 36.78 18.58
C TYR B 448 -1.46 35.76 19.43
N PRO B 449 -2.64 35.33 18.96
CA PRO B 449 -3.40 34.21 19.53
C PRO B 449 -3.36 32.97 18.63
N TYR B 450 -4.27 32.93 17.67
CA TYR B 450 -4.31 31.89 16.65
C TYR B 450 -5.13 32.44 15.50
N ALA B 451 -4.84 33.69 15.14
CA ALA B 451 -5.63 34.48 14.22
C ALA B 451 -6.00 33.79 12.90
N TYR B 452 -7.29 33.88 12.56
CA TYR B 452 -7.80 33.42 11.28
C TYR B 452 -9.03 34.26 10.98
N MET B 453 -9.25 34.59 9.71
CA MET B 453 -10.38 35.45 9.34
C MET B 453 -11.72 34.76 9.61
N GLU B 454 -12.35 35.10 10.73
CA GLU B 454 -13.67 34.57 11.07
C GLU B 454 -14.68 34.96 9.99
N GLU B 455 -15.64 34.07 9.74
CA GLU B 455 -16.61 34.28 8.67
C GLU B 455 -17.61 35.38 9.00
N THR B 456 -18.10 36.04 7.95
CA THR B 456 -19.12 37.07 8.06
C THR B 456 -20.37 36.56 7.37
N PRO B 457 -21.56 36.93 7.90
CA PRO B 457 -22.88 36.55 7.38
C PRO B 457 -22.96 36.40 5.87
N GLY B 458 -23.41 35.24 5.40
CA GLY B 458 -23.54 34.97 3.98
C GLY B 458 -22.32 34.35 3.34
N SER B 459 -21.16 34.49 3.97
CA SER B 459 -19.90 34.00 3.41
C SER B 459 -19.68 32.50 3.62
N LYS B 460 -18.57 32.01 3.09
CA LYS B 460 -18.24 30.59 3.20
C LYS B 460 -17.87 30.19 4.63
N ILE B 461 -18.07 28.90 4.93
CA ILE B 461 -17.78 28.37 6.25
C ILE B 461 -16.28 28.13 6.43
N LYS B 462 -15.72 28.69 7.51
CA LYS B 462 -14.31 28.49 7.81
C LYS B 462 -14.10 27.16 8.53
N PRO B 463 -13.07 26.40 8.10
CA PRO B 463 -12.77 25.09 8.68
C PRO B 463 -12.41 25.19 10.17
N GLN B 464 -11.73 26.27 10.54
CA GLN B 464 -11.35 26.49 11.94
C GLN B 464 -12.59 26.64 12.82
N THR B 465 -13.61 27.30 12.28
CA THR B 465 -14.87 27.50 12.98
C THR B 465 -15.61 26.17 13.19
N VAL B 466 -15.63 25.34 12.15
CA VAL B 466 -16.24 24.01 12.25
C VAL B 466 -15.62 23.22 13.39
N ILE B 467 -14.29 23.26 13.46
CA ILE B 467 -13.55 22.52 14.47
C ILE B 467 -13.77 23.07 15.87
N LYS B 468 -13.75 24.40 16.01
CA LYS B 468 -14.04 25.05 17.28
C LYS B 468 -15.43 24.66 17.81
N LYS B 469 -16.43 24.77 16.95
CA LYS B 469 -17.81 24.46 17.33
C LYS B 469 -18.00 22.97 17.65
N LEU B 470 -17.35 22.12 16.86
CA LEU B 470 -17.43 20.68 17.09
C LEU B 470 -16.81 20.30 18.43
N SER B 471 -15.69 20.94 18.77
CA SER B 471 -15.04 20.74 20.06
C SER B 471 -16.00 21.05 21.21
N LYS B 472 -16.76 22.12 21.06
CA LYS B 472 -17.75 22.51 22.07
C LYS B 472 -18.89 21.49 22.16
N VAL B 473 -19.47 21.17 21.01
CA VAL B 473 -20.57 20.19 20.94
C VAL B 473 -20.16 18.85 21.55
N ALA B 474 -18.98 18.36 21.17
CA ALA B 474 -18.46 17.13 21.72
C ALA B 474 -18.25 17.23 23.23
N ASN B 475 -17.71 18.35 23.69
CA ASN B 475 -17.48 18.58 25.11
C ASN B 475 -18.77 18.61 25.93
N ASP B 476 -19.86 19.08 25.32
CA ASP B 476 -21.14 19.16 25.99
C ASP B 476 -21.69 17.79 26.39
N THR B 477 -21.30 16.76 25.66
CA THR B 477 -21.74 15.40 25.95
C THR B 477 -21.10 14.88 27.24
N GLY B 478 -19.96 15.46 27.62
CA GLY B 478 -19.25 15.03 28.82
C GLY B 478 -18.55 13.69 28.63
N ARG B 479 -18.49 13.23 27.40
CA ARG B 479 -17.91 11.92 27.08
C ARG B 479 -16.42 12.00 26.86
N HIS B 480 -15.74 10.87 27.02
CA HIS B 480 -14.34 10.75 26.61
C HIS B 480 -14.30 10.84 25.09
N VAL B 481 -13.54 11.81 24.57
CA VAL B 481 -13.51 12.05 23.13
C VAL B 481 -12.15 11.73 22.52
N ILE B 482 -12.16 10.90 21.47
CA ILE B 482 -10.94 10.60 20.72
C ILE B 482 -11.05 11.17 19.31
N VAL B 483 -9.99 11.86 18.87
CA VAL B 483 -9.97 12.49 17.55
C VAL B 483 -8.86 11.91 16.68
N THR B 484 -9.23 11.41 15.50
CA THR B 484 -8.25 11.03 14.50
C THR B 484 -8.35 12.03 13.35
N THR B 485 -7.31 12.09 12.52
CA THR B 485 -7.33 12.99 11.36
C THR B 485 -6.74 12.33 10.14
N GLY B 486 -7.00 12.92 8.97
CA GLY B 486 -6.24 12.61 7.78
C GLY B 486 -4.98 13.46 7.79
N VAL B 487 -4.46 13.75 6.61
CA VAL B 487 -3.23 14.52 6.49
C VAL B 487 -3.44 15.71 5.57
N GLY B 488 -2.98 16.88 6.00
CA GLY B 488 -3.16 18.11 5.24
C GLY B 488 -3.48 19.29 6.13
N GLN B 489 -4.12 20.32 5.58
CA GLN B 489 -4.47 21.52 6.33
C GLN B 489 -5.41 21.21 7.51
N HIS B 490 -6.44 20.42 7.25
CA HIS B 490 -7.42 20.06 8.28
C HIS B 490 -6.76 19.42 9.50
N GLN B 491 -5.65 18.72 9.27
CA GLN B 491 -4.91 18.04 10.32
C GLN B 491 -4.33 19.06 11.31
N MET B 492 -3.73 20.11 10.77
CA MET B 492 -3.16 21.17 11.60
C MET B 492 -4.24 21.99 12.29
N TRP B 493 -5.33 22.24 11.58
CA TRP B 493 -6.46 22.99 12.13
C TRP B 493 -7.06 22.25 13.32
N ALA B 494 -7.16 20.93 13.20
CA ALA B 494 -7.63 20.10 14.31
C ALA B 494 -6.71 20.25 15.50
N ALA B 495 -5.41 20.10 15.27
CA ALA B 495 -4.41 20.24 16.32
C ALA B 495 -4.50 21.61 17.01
N GLN B 496 -4.63 22.66 16.21
CA GLN B 496 -4.61 24.04 16.71
C GLN B 496 -5.88 24.46 17.42
N HIS B 497 -7.03 24.12 16.84
CA HIS B 497 -8.30 24.72 17.27
C HIS B 497 -9.18 23.84 18.15
N TRP B 498 -8.84 22.57 18.27
CA TRP B 498 -9.49 21.70 19.24
C TRP B 498 -8.87 21.98 20.62
N THR B 499 -9.63 21.78 21.69
CA THR B 499 -9.09 22.00 23.04
C THR B 499 -8.71 20.68 23.69
N TRP B 500 -7.40 20.45 23.82
CA TRP B 500 -6.88 19.15 24.27
C TRP B 500 -6.77 19.04 25.80
N ARG B 501 -7.36 17.99 26.34
CA ARG B 501 -7.48 17.83 27.78
C ARG B 501 -6.94 16.49 28.28
N ASN B 502 -7.30 15.41 27.59
CA ASN B 502 -6.99 14.06 28.06
C ASN B 502 -5.95 13.35 27.18
N PRO B 503 -5.08 12.56 27.81
CA PRO B 503 -4.04 11.80 27.10
C PRO B 503 -4.64 10.74 26.19
N HIS B 504 -3.93 10.38 25.12
CA HIS B 504 -4.38 9.38 24.15
C HIS B 504 -5.71 9.74 23.48
N THR B 505 -5.92 11.03 23.23
CA THR B 505 -7.15 11.49 22.58
C THR B 505 -6.89 12.12 21.19
N PHE B 506 -5.63 12.35 20.87
CA PHE B 506 -5.27 12.85 19.54
C PHE B 506 -4.44 11.81 18.79
N ILE B 507 -5.04 11.23 17.76
CA ILE B 507 -4.42 10.13 17.02
C ILE B 507 -4.25 10.52 15.56
N THR B 508 -3.04 10.97 15.22
CA THR B 508 -2.78 11.52 13.89
C THR B 508 -1.43 11.04 13.35
N SER B 509 -1.34 10.90 12.01
CA SER B 509 -0.10 10.47 11.39
C SER B 509 0.86 11.65 11.28
N GLY B 510 1.88 11.66 12.12
CA GLY B 510 2.80 12.78 12.21
C GLY B 510 4.10 12.60 11.45
N GLY B 511 4.80 11.50 11.72
CA GLY B 511 6.13 11.30 11.15
C GLY B 511 6.15 10.93 9.68
N LEU B 512 5.19 10.11 9.25
CA LEU B 512 5.11 9.71 7.85
C LEU B 512 4.08 10.54 7.09
N GLY B 513 3.01 10.94 7.80
CA GLY B 513 1.96 11.73 7.19
C GLY B 513 1.18 10.95 6.15
N THR B 514 0.58 9.84 6.58
CA THR B 514 -0.14 8.96 5.67
C THR B 514 -1.59 9.41 5.48
N MET B 515 -1.90 9.93 4.29
CA MET B 515 -3.28 10.22 3.93
C MET B 515 -4.09 8.92 3.95
N GLY B 516 -5.30 8.99 4.50
CA GLY B 516 -6.16 7.81 4.58
C GLY B 516 -6.13 7.21 5.97
N TYR B 517 -5.28 7.77 6.82
CA TYR B 517 -5.14 7.33 8.21
C TYR B 517 -6.41 7.49 9.03
N GLY B 518 -7.10 8.61 8.84
CA GLY B 518 -8.23 9.00 9.67
C GLY B 518 -9.32 7.96 9.95
N LEU B 519 -9.90 7.41 8.89
CA LEU B 519 -11.03 6.48 9.06
C LEU B 519 -10.67 5.14 9.72
N PRO B 520 -9.69 4.40 9.17
CA PRO B 520 -9.36 3.13 9.83
C PRO B 520 -8.78 3.31 11.23
N ALA B 521 -8.00 4.37 11.46
CA ALA B 521 -7.49 4.65 12.81
C ALA B 521 -8.64 4.90 13.78
N ALA B 522 -9.66 5.62 13.31
CA ALA B 522 -10.85 5.89 14.12
C ALA B 522 -11.56 4.59 14.51
N ILE B 523 -11.67 3.67 13.55
CA ILE B 523 -12.31 2.38 13.78
C ILE B 523 -11.54 1.58 14.84
N GLY B 524 -10.22 1.50 14.66
CA GLY B 524 -9.36 0.79 15.61
C GLY B 524 -9.41 1.40 16.99
N ALA B 525 -9.44 2.73 17.06
CA ALA B 525 -9.52 3.43 18.33
C ALA B 525 -10.86 3.15 19.01
N GLN B 526 -11.92 3.06 18.21
CA GLN B 526 -13.26 2.82 18.74
C GLN B 526 -13.36 1.40 19.31
N VAL B 527 -12.70 0.45 18.67
CA VAL B 527 -12.63 -0.92 19.19
C VAL B 527 -11.90 -0.93 20.54
N ALA B 528 -10.85 -0.11 20.64
CA ALA B 528 -10.08 0.00 21.88
C ALA B 528 -10.88 0.69 22.99
N LYS B 529 -11.66 1.70 22.62
CA LYS B 529 -12.46 2.47 23.58
C LYS B 529 -13.92 2.55 23.16
N PRO B 530 -14.68 1.47 23.39
CA PRO B 530 -16.07 1.33 22.94
C PRO B 530 -17.00 2.42 23.49
N GLU B 531 -16.72 2.93 24.68
CA GLU B 531 -17.55 3.95 25.30
C GLU B 531 -17.20 5.36 24.81
N SER B 532 -16.01 5.49 24.20
CA SER B 532 -15.52 6.80 23.77
C SER B 532 -16.24 7.33 22.53
N LEU B 533 -16.41 8.64 22.49
CA LEU B 533 -16.89 9.31 21.28
C LEU B 533 -15.69 9.49 20.36
N VAL B 534 -15.72 8.82 19.21
CA VAL B 534 -14.58 8.83 18.30
C VAL B 534 -14.87 9.65 17.04
N ILE B 535 -14.09 10.68 16.82
CA ILE B 535 -14.30 11.58 15.69
C ILE B 535 -13.10 11.59 14.74
N ASP B 536 -13.36 11.33 13.46
CA ASP B 536 -12.35 11.49 12.44
C ASP B 536 -12.57 12.84 11.76
N ILE B 537 -11.66 13.77 12.02
CA ILE B 537 -11.66 15.05 11.31
C ILE B 537 -10.77 14.86 10.09
N ASP B 538 -11.39 14.71 8.92
CA ASP B 538 -10.70 14.26 7.72
C ASP B 538 -10.75 15.30 6.61
N GLY B 539 -9.84 15.17 5.63
CA GLY B 539 -9.89 16.00 4.45
C GLY B 539 -10.47 15.20 3.29
N ASP B 540 -10.96 15.89 2.25
CA ASP B 540 -11.59 15.19 1.14
C ASP B 540 -10.63 14.23 0.42
N ALA B 541 -9.43 14.71 0.10
CA ALA B 541 -8.45 13.86 -0.60
C ALA B 541 -7.97 12.71 0.28
N SER B 542 -7.65 12.99 1.54
CA SER B 542 -7.27 11.96 2.49
C SER B 542 -8.32 10.87 2.63
N PHE B 543 -9.58 11.29 2.78
CA PHE B 543 -10.68 10.36 2.97
C PHE B 543 -10.82 9.43 1.76
N ASN B 544 -10.60 9.97 0.57
CA ASN B 544 -10.72 9.16 -0.65
C ASN B 544 -9.77 7.98 -0.71
N MET B 545 -8.66 8.08 0.02
CA MET B 545 -7.62 7.04 0.01
C MET B 545 -8.13 5.70 0.52
N THR B 546 -8.89 5.73 1.62
CA THR B 546 -9.28 4.50 2.30
C THR B 546 -10.78 4.44 2.62
N LEU B 547 -11.61 5.13 1.82
CA LEU B 547 -13.04 5.20 2.09
C LEU B 547 -13.78 3.85 2.04
N THR B 548 -13.13 2.83 1.48
CA THR B 548 -13.78 1.52 1.38
C THR B 548 -14.03 0.92 2.77
N GLU B 549 -13.30 1.41 3.77
CA GLU B 549 -13.47 0.92 5.14
C GLU B 549 -14.72 1.46 5.83
N LEU B 550 -15.51 2.23 5.09
CA LEU B 550 -16.79 2.71 5.60
C LEU B 550 -17.67 1.50 5.94
N SER B 551 -17.67 0.52 5.05
CA SER B 551 -18.46 -0.70 5.25
C SER B 551 -17.91 -1.52 6.42
N SER B 552 -16.59 -1.42 6.65
CA SER B 552 -15.96 -2.13 7.75
C SER B 552 -16.39 -1.57 9.09
N ALA B 553 -16.60 -0.26 9.14
CA ALA B 553 -17.09 0.40 10.34
C ALA B 553 -18.48 -0.12 10.71
N VAL B 554 -19.35 -0.25 9.71
CA VAL B 554 -20.70 -0.75 9.92
C VAL B 554 -20.69 -2.21 10.35
N GLN B 555 -19.87 -3.01 9.68
CA GLN B 555 -19.77 -4.43 10.00
C GLN B 555 -19.26 -4.64 11.43
N ALA B 556 -18.28 -3.83 11.82
CA ALA B 556 -17.68 -3.94 13.15
C ALA B 556 -18.56 -3.33 14.24
N GLY B 557 -19.53 -2.51 13.85
CA GLY B 557 -20.42 -1.88 14.80
C GLY B 557 -19.91 -0.54 15.33
N THR B 558 -18.69 -0.18 14.96
CA THR B 558 -18.03 1.03 15.49
C THR B 558 -18.73 2.32 15.05
N PRO B 559 -19.39 3.01 16.00
CA PRO B 559 -20.14 4.23 15.70
C PRO B 559 -19.24 5.45 15.52
N VAL B 560 -18.26 5.36 14.62
CA VAL B 560 -17.33 6.45 14.40
C VAL B 560 -18.00 7.67 13.76
N LYS B 561 -17.55 8.85 14.15
CA LYS B 561 -18.06 10.09 13.58
C LYS B 561 -17.08 10.62 12.54
N ILE B 562 -17.45 10.51 11.27
CA ILE B 562 -16.57 10.92 10.18
C ILE B 562 -16.91 12.32 9.68
N LEU B 563 -16.05 13.28 9.99
CA LEU B 563 -16.22 14.64 9.50
C LEU B 563 -15.34 14.85 8.28
N ILE B 564 -15.93 15.30 7.18
CA ILE B 564 -15.16 15.63 6.00
C ILE B 564 -15.21 17.13 5.73
N LEU B 565 -14.08 17.79 5.93
CA LEU B 565 -13.95 19.21 5.60
C LEU B 565 -13.62 19.31 4.11
N ASN B 566 -14.66 19.51 3.31
CA ASN B 566 -14.51 19.47 1.85
C ASN B 566 -14.17 20.84 1.24
N ASN B 567 -12.91 20.99 0.85
CA ASN B 567 -12.44 22.22 0.20
C ASN B 567 -12.06 21.95 -1.26
N GLU B 568 -12.78 21.05 -1.90
CA GLU B 568 -12.43 20.54 -3.24
C GLU B 568 -12.23 21.61 -4.32
N GLU B 569 -12.83 22.78 -4.14
CA GLU B 569 -12.72 23.85 -5.13
C GLU B 569 -11.28 24.33 -5.33
N GLN B 570 -10.49 24.36 -4.26
CA GLN B 570 -9.08 24.67 -4.39
C GLN B 570 -8.30 23.40 -4.74
N GLY B 571 -7.21 23.56 -5.49
CA GLY B 571 -6.41 22.43 -5.89
C GLY B 571 -5.55 21.88 -4.76
N MET B 572 -5.05 20.68 -4.94
CA MET B 572 -4.16 20.05 -3.95
C MET B 572 -2.76 20.65 -4.02
N VAL B 573 -2.37 21.13 -5.19
CA VAL B 573 -1.01 21.60 -5.41
C VAL B 573 -0.92 23.12 -5.58
N THR B 574 -0.23 23.77 -4.64
CA THR B 574 0.06 25.19 -4.75
C THR B 574 1.13 25.42 -5.82
N GLN B 575 0.84 26.29 -6.79
CA GLN B 575 1.79 26.58 -7.85
C GLN B 575 2.63 27.81 -7.50
N TRP B 576 1.95 28.83 -6.97
CA TRP B 576 2.61 30.03 -6.47
C TRP B 576 1.65 30.82 -5.59
N GLN B 577 2.17 31.74 -4.81
CA GLN B 577 1.34 32.49 -3.87
C GLN B 577 1.95 33.84 -3.50
N SER B 578 1.09 34.76 -3.10
CA SER B 578 1.51 36.09 -2.66
C SER B 578 2.35 36.01 -1.40
N LEU B 579 3.03 37.10 -1.06
CA LEU B 579 3.86 37.15 0.14
C LEU B 579 3.02 37.19 1.42
N PHE B 580 1.71 37.39 1.26
CA PHE B 580 0.83 37.53 2.42
C PHE B 580 -0.24 36.43 2.44
N TYR B 585 -3.32 30.35 -5.30
CA TYR B 585 -3.24 29.92 -6.70
C TYR B 585 -2.79 28.46 -6.77
N SER B 586 -3.75 27.56 -7.01
CA SER B 586 -3.45 26.12 -7.00
C SER B 586 -4.03 25.37 -8.19
N HIS B 587 -3.57 24.14 -8.39
CA HIS B 587 -4.14 23.24 -9.39
C HIS B 587 -4.25 21.82 -8.83
N THR B 588 -4.61 20.88 -9.71
CA THR B 588 -4.89 19.49 -9.33
C THR B 588 -6.14 19.35 -8.46
N HIS B 589 -7.28 19.21 -9.13
CA HIS B 589 -8.55 19.00 -8.47
C HIS B 589 -9.00 17.56 -8.71
N GLN B 590 -9.15 16.81 -7.63
CA GLN B 590 -9.68 15.46 -7.72
C GLN B 590 -11.21 15.50 -7.75
N LEU B 591 -11.81 14.63 -8.55
CA LEU B 591 -13.26 14.52 -8.60
C LEU B 591 -13.77 13.69 -7.42
N ASN B 592 -14.48 14.33 -6.49
CA ASN B 592 -15.03 13.64 -5.33
C ASN B 592 -16.34 12.96 -5.65
N PRO B 593 -16.62 11.83 -4.96
CA PRO B 593 -17.95 11.24 -5.06
C PRO B 593 -18.93 12.03 -4.19
N ASP B 594 -20.22 11.83 -4.41
CA ASP B 594 -21.23 12.34 -3.49
C ASP B 594 -21.06 11.60 -2.15
N PHE B 595 -20.49 12.29 -1.17
CA PHE B 595 -20.15 11.65 0.10
C PHE B 595 -21.36 11.18 0.92
N ILE B 596 -22.50 11.85 0.74
CA ILE B 596 -23.71 11.49 1.47
C ILE B 596 -24.31 10.21 0.87
N LYS B 597 -24.38 10.15 -0.46
CA LYS B 597 -24.82 8.94 -1.14
C LYS B 597 -23.85 7.78 -0.90
N LEU B 598 -22.56 8.09 -0.83
CA LEU B 598 -21.56 7.08 -0.53
C LEU B 598 -21.83 6.45 0.84
N ALA B 599 -22.03 7.31 1.83
CA ALA B 599 -22.31 6.87 3.20
C ALA B 599 -23.50 5.93 3.24
N GLU B 600 -24.59 6.32 2.58
CA GLU B 600 -25.79 5.51 2.52
C GLU B 600 -25.56 4.17 1.81
N ALA B 601 -24.80 4.19 0.72
CA ALA B 601 -24.47 2.96 0.01
C ALA B 601 -23.69 2.03 0.91
N MET B 602 -22.87 2.61 1.79
CA MET B 602 -22.02 1.85 2.69
C MET B 602 -22.76 1.40 3.94
N GLY B 603 -24.00 1.87 4.11
CA GLY B 603 -24.83 1.42 5.22
C GLY B 603 -24.85 2.32 6.44
N LEU B 604 -24.43 3.57 6.29
CA LEU B 604 -24.48 4.52 7.40
C LEU B 604 -25.16 5.81 7.05
N LYS B 605 -25.41 6.64 8.07
CA LYS B 605 -26.09 7.91 7.93
C LYS B 605 -25.18 8.99 7.33
N GLY B 606 -25.73 9.81 6.44
CA GLY B 606 -24.96 10.87 5.82
C GLY B 606 -25.61 12.22 6.04
N LEU B 607 -24.78 13.21 6.40
CA LEU B 607 -25.27 14.56 6.65
C LEU B 607 -24.40 15.56 5.90
N ARG B 608 -25.00 16.62 5.35
CA ARG B 608 -24.24 17.63 4.63
C ARG B 608 -24.56 19.05 5.09
N VAL B 609 -23.52 19.85 5.28
CA VAL B 609 -23.66 21.28 5.56
C VAL B 609 -23.14 22.08 4.38
N LYS B 610 -23.97 22.97 3.86
CA LYS B 610 -23.56 23.85 2.76
C LYS B 610 -23.55 25.31 3.19
N LYS B 611 -24.31 25.63 4.23
CA LYS B 611 -24.48 27.02 4.67
C LYS B 611 -24.22 27.20 6.16
N GLN B 612 -23.85 28.42 6.56
CA GLN B 612 -23.59 28.76 7.96
C GLN B 612 -24.79 28.45 8.85
N GLU B 613 -25.98 28.75 8.34
CA GLU B 613 -27.21 28.65 9.12
C GLU B 613 -27.57 27.23 9.56
N GLU B 614 -27.03 26.23 8.88
CA GLU B 614 -27.36 24.84 9.20
C GLU B 614 -26.22 24.12 9.95
N LEU B 615 -25.11 24.81 10.16
CA LEU B 615 -23.93 24.19 10.77
C LEU B 615 -24.16 23.65 12.19
N ASP B 616 -24.69 24.49 13.08
CA ASP B 616 -24.89 24.10 14.48
C ASP B 616 -25.77 22.87 14.63
N ALA B 617 -26.93 22.89 13.98
CA ALA B 617 -27.89 21.80 14.07
C ALA B 617 -27.32 20.48 13.53
N LYS B 618 -26.54 20.57 12.46
CA LYS B 618 -25.94 19.39 11.86
C LYS B 618 -24.79 18.83 12.69
N LEU B 619 -23.99 19.72 13.29
CA LEU B 619 -22.90 19.28 14.17
C LEU B 619 -23.48 18.53 15.36
N LYS B 620 -24.61 19.03 15.87
CA LYS B 620 -25.29 18.39 17.00
C LYS B 620 -25.86 17.03 16.62
N GLU B 621 -26.53 16.97 15.48
CA GLU B 621 -27.08 15.70 14.99
C GLU B 621 -25.96 14.70 14.74
N PHE B 622 -24.87 15.20 14.19
CA PHE B 622 -23.66 14.41 13.92
C PHE B 622 -23.17 13.69 15.16
N VAL B 623 -22.99 14.45 16.24
CA VAL B 623 -22.50 13.92 17.51
C VAL B 623 -23.54 13.07 18.24
N SER B 624 -24.81 13.48 18.15
CA SER B 624 -25.90 12.82 18.87
C SER B 624 -26.34 11.51 18.22
N THR B 625 -26.11 11.39 16.93
CA THR B 625 -26.55 10.22 16.16
C THR B 625 -25.95 8.91 16.68
N LYS B 626 -26.79 7.91 16.90
CA LYS B 626 -26.32 6.58 17.27
C LYS B 626 -25.81 5.84 16.04
N GLY B 627 -24.70 5.12 16.19
CA GLY B 627 -24.11 4.40 15.08
C GLY B 627 -23.16 5.27 14.30
N PRO B 628 -22.51 4.70 13.27
CA PRO B 628 -21.56 5.42 12.43
C PRO B 628 -22.27 6.47 11.59
N VAL B 629 -21.65 7.64 11.44
CA VAL B 629 -22.25 8.74 10.70
C VAL B 629 -21.18 9.56 9.99
N LEU B 630 -21.50 10.03 8.78
CA LEU B 630 -20.59 10.89 8.02
C LEU B 630 -21.21 12.28 7.84
N LEU B 631 -20.44 13.30 8.22
CA LEU B 631 -20.86 14.68 7.99
C LEU B 631 -19.89 15.35 7.03
N GLU B 632 -20.40 15.82 5.90
CA GLU B 632 -19.60 16.63 4.99
C GLU B 632 -19.90 18.09 5.23
N VAL B 633 -18.85 18.89 5.43
CA VAL B 633 -19.02 20.33 5.52
C VAL B 633 -18.27 20.97 4.36
N GLU B 634 -19.01 21.61 3.46
CA GLU B 634 -18.39 22.36 2.38
C GLU B 634 -17.73 23.58 2.97
N VAL B 635 -16.42 23.69 2.80
CA VAL B 635 -15.67 24.77 3.46
C VAL B 635 -14.97 25.70 2.48
N ASP B 636 -14.40 26.76 3.04
CA ASP B 636 -13.76 27.82 2.27
C ASP B 636 -12.45 27.34 1.67
N LYS B 637 -12.40 27.31 0.35
CA LYS B 637 -11.20 26.90 -0.37
C LYS B 637 -10.03 27.85 -0.09
N LYS B 638 -10.35 29.11 0.24
CA LYS B 638 -9.33 30.11 0.51
C LYS B 638 -8.38 29.66 1.61
N VAL B 639 -8.88 29.61 2.84
CA VAL B 639 -8.10 29.15 3.98
C VAL B 639 -9.00 28.59 5.08
#